data_1HM0
#
_entry.id   1HM0
#
_cell.length_a   92.715
_cell.length_b   92.715
_cell.length_c   280.387
_cell.angle_alpha   90.00
_cell.angle_beta   90.00
_cell.angle_gamma   120.00
#
_symmetry.space_group_name_H-M   'H 3'
#
loop_
_entity.id
_entity.type
_entity.pdbx_description
1 polymer 'N-ACETYLGLUCOSAMINE 1-PHOSPHATE URIDYLTRANSFERASE'
2 non-polymer 'CALCIUM ION'
3 water water
#
_entity_poly.entity_id   1
_entity_poly.type   'polypeptide(L)'
_entity_poly.pdbx_seq_one_letter_code
;MRGSHHHHHHSNFAIILAAGKGTRMKSDLPKVLHKVAGISMLEHVFRSVGAIQPEKTVTVVGHKAELVEEVLAGQTEFVT
QSEQLGTGHAVMMTEPILEGLSGHTLVIAGDTPLITGESLKNLIDFHINHKNVATILTAETDNPFGYGRIVRNDNAEVLR
IVEQKDATDFEKQIKEINTGTYVFDNERLFEALKNINTNNAQGEYYITDVIGIFRETGEKVGAYTLKDFDESLGVNDRVA
LATAESVMRRRINHKHMVNGVSFVNPEATYIDIDVEIAPEVQIEANVILKGQTKIGAETVLTNGTYVVDSTIGAGAVITN
SMIEESSVADGVTVGPYAHIRPNSSLGAQVHIGNFVEVKGSSIGENTKAGHLTYIGNCEVGSNVNFGAGTITVNYDGKNK
YKTVIGDNVFVGSNSTIIAPVELGDNSLVGAGSTITKDVPADAIAIGRGRQINKDEYATRLPHHPKNQ
;
_entity_poly.pdbx_strand_id   A,B
#
loop_
_chem_comp.id
_chem_comp.type
_chem_comp.name
_chem_comp.formula
CA non-polymer 'CALCIUM ION' 'Ca 2'
#
# COMPACT_ATOMS: atom_id res chain seq x y z
N SER A 11 37.94 -55.06 26.35
CA SER A 11 37.63 -56.27 27.17
C SER A 11 36.18 -56.81 27.04
N ASN A 12 35.19 -55.92 26.88
CA ASN A 12 33.81 -56.37 26.69
C ASN A 12 33.35 -55.90 25.31
N PHE A 13 32.71 -56.80 24.56
CA PHE A 13 32.21 -56.50 23.22
C PHE A 13 30.73 -56.90 23.16
N ALA A 14 29.97 -56.25 22.29
CA ALA A 14 28.56 -56.58 22.19
C ALA A 14 28.07 -56.69 20.75
N ILE A 15 27.29 -57.72 20.48
CA ILE A 15 26.73 -57.92 19.14
C ILE A 15 25.21 -57.93 19.27
N ILE A 16 24.54 -56.99 18.60
CA ILE A 16 23.08 -56.94 18.65
C ILE A 16 22.42 -57.47 17.36
N LEU A 17 21.71 -58.59 17.46
CA LEU A 17 21.04 -59.18 16.29
C LEU A 17 19.72 -58.46 16.01
N ALA A 18 19.65 -57.70 14.91
CA ALA A 18 18.46 -56.91 14.56
C ALA A 18 18.02 -57.03 13.09
N ALA A 19 18.11 -58.23 12.54
CA ALA A 19 17.74 -58.48 11.15
C ALA A 19 16.30 -59.00 11.06
N GLY A 20 15.47 -58.33 10.25
CA GLY A 20 14.07 -58.70 10.08
C GLY A 20 13.58 -60.10 10.43
N LYS A 21 12.80 -60.69 9.51
CA LYS A 21 12.23 -62.04 9.67
C LYS A 21 11.02 -62.13 10.62
N GLY A 22 10.59 -60.98 11.14
CA GLY A 22 9.46 -60.94 12.04
C GLY A 22 8.11 -60.83 11.33
N THR A 23 7.72 -61.91 10.66
CA THR A 23 6.47 -61.95 9.91
C THR A 23 5.18 -62.03 10.74
N ARG A 24 5.28 -62.45 12.00
CA ARG A 24 4.09 -62.53 12.84
C ARG A 24 3.64 -61.12 13.28
N MET A 25 4.51 -60.12 13.08
CA MET A 25 4.16 -58.74 13.42
C MET A 25 3.18 -58.12 12.41
N LYS A 26 3.18 -58.64 11.18
CA LYS A 26 2.26 -58.11 10.16
C LYS A 26 2.48 -56.62 9.99
N SER A 27 3.74 -56.24 9.81
CA SER A 27 4.13 -54.85 9.69
C SER A 27 5.20 -54.69 8.61
N ASP A 28 5.27 -53.50 8.02
CA ASP A 28 6.31 -53.24 7.04
C ASP A 28 7.53 -52.58 7.70
N LEU A 29 7.41 -52.28 8.99
CA LEU A 29 8.49 -51.68 9.74
C LEU A 29 9.40 -52.78 10.31
N PRO A 30 10.72 -52.57 10.28
CA PRO A 30 11.61 -53.62 10.84
C PRO A 30 11.12 -53.87 12.27
N LYS A 31 10.97 -55.14 12.62
CA LYS A 31 10.48 -55.52 13.95
C LYS A 31 11.03 -54.72 15.14
N VAL A 32 12.34 -54.57 15.22
CA VAL A 32 12.97 -53.89 16.35
C VAL A 32 12.68 -52.40 16.45
N LEU A 33 12.01 -51.85 15.45
CA LEU A 33 11.69 -50.44 15.48
C LEU A 33 10.34 -50.14 16.14
N HIS A 34 9.57 -51.18 16.46
CA HIS A 34 8.29 -51.00 17.13
C HIS A 34 8.61 -50.46 18.51
N LYS A 35 7.84 -49.46 18.92
CA LYS A 35 8.08 -48.79 20.20
C LYS A 35 7.50 -49.48 21.44
N VAL A 36 8.17 -49.24 22.57
CA VAL A 36 7.70 -49.70 23.85
C VAL A 36 8.02 -48.54 24.79
N ALA A 37 6.96 -48.00 25.42
CA ALA A 37 7.09 -46.84 26.31
C ALA A 37 7.90 -45.68 25.74
N GLY A 38 7.62 -45.31 24.51
CA GLY A 38 8.31 -44.18 23.90
C GLY A 38 9.52 -44.39 22.96
N ILE A 39 10.25 -45.50 23.04
CA ILE A 39 11.43 -45.72 22.16
C ILE A 39 11.37 -47.14 21.63
N SER A 40 12.08 -47.39 20.53
CA SER A 40 12.11 -48.71 19.90
C SER A 40 12.67 -49.79 20.80
N MET A 41 12.35 -51.04 20.50
CA MET A 41 12.86 -52.14 21.27
C MET A 41 14.38 -52.13 21.18
N LEU A 42 14.89 -51.80 20.00
CA LEU A 42 16.33 -51.75 19.78
C LEU A 42 17.01 -50.79 20.77
N GLU A 43 16.46 -49.59 20.96
CA GLU A 43 17.03 -48.62 21.87
C GLU A 43 17.00 -49.10 23.33
N HIS A 44 15.97 -49.83 23.75
CA HIS A 44 15.96 -50.35 25.10
C HIS A 44 17.15 -51.35 25.21
N VAL A 45 17.39 -52.16 24.18
CA VAL A 45 18.51 -53.10 24.19
C VAL A 45 19.86 -52.36 24.22
N PHE A 46 20.00 -51.27 23.46
CA PHE A 46 21.27 -50.50 23.49
C PHE A 46 21.52 -49.98 24.91
N ARG A 47 20.44 -49.54 25.58
CA ARG A 47 20.60 -48.99 26.91
C ARG A 47 21.00 -50.05 27.91
N SER A 48 20.49 -51.25 27.77
CA SER A 48 20.88 -52.30 28.68
C SER A 48 22.33 -52.70 28.40
N VAL A 49 22.67 -52.75 27.12
CA VAL A 49 23.99 -53.13 26.68
C VAL A 49 25.05 -52.14 27.20
N GLY A 50 24.72 -50.86 27.23
CA GLY A 50 25.67 -49.88 27.72
C GLY A 50 26.18 -50.24 29.12
N ALA A 51 25.35 -50.93 29.90
CA ALA A 51 25.72 -51.29 31.27
C ALA A 51 26.97 -52.16 31.39
N ILE A 52 27.32 -52.87 30.33
CA ILE A 52 28.52 -53.68 30.35
C ILE A 52 29.71 -52.86 29.82
N GLN A 53 29.44 -51.61 29.43
CA GLN A 53 30.49 -50.74 28.92
C GLN A 53 31.32 -51.43 27.86
N PRO A 54 30.67 -51.88 26.78
CA PRO A 54 31.39 -52.57 25.71
C PRO A 54 32.33 -51.66 24.94
N GLU A 55 33.57 -52.10 24.76
CA GLU A 55 34.59 -51.35 24.01
C GLU A 55 34.09 -51.11 22.60
N LYS A 56 33.38 -52.10 22.05
CA LYS A 56 32.81 -52.01 20.71
C LYS A 56 31.43 -52.66 20.66
N THR A 57 30.55 -52.08 19.84
CA THR A 57 29.20 -52.60 19.68
C THR A 57 28.87 -52.67 18.20
N VAL A 58 28.31 -53.80 17.78
CA VAL A 58 27.96 -53.98 16.37
C VAL A 58 26.54 -54.52 16.26
N THR A 59 25.73 -53.86 15.42
CA THR A 59 24.34 -54.25 15.21
C THR A 59 24.16 -54.83 13.82
N VAL A 60 23.73 -56.08 13.74
CA VAL A 60 23.51 -56.69 12.46
C VAL A 60 22.09 -56.36 12.04
N VAL A 61 21.94 -55.63 10.93
CA VAL A 61 20.64 -55.26 10.39
C VAL A 61 20.40 -56.02 9.10
N GLY A 62 19.22 -55.82 8.50
CA GLY A 62 18.92 -56.50 7.26
C GLY A 62 17.98 -55.72 6.38
N HIS A 63 16.73 -56.15 6.34
CA HIS A 63 15.69 -55.50 5.53
C HIS A 63 15.44 -54.09 6.08
N LYS A 64 15.35 -53.13 5.18
CA LYS A 64 15.12 -51.74 5.56
C LYS A 64 16.26 -51.29 6.44
N ALA A 65 17.43 -51.87 6.18
CA ALA A 65 18.65 -51.60 6.93
C ALA A 65 18.88 -50.12 7.23
N GLU A 66 18.84 -49.28 6.20
CA GLU A 66 19.06 -47.85 6.39
C GLU A 66 18.06 -47.24 7.35
N LEU A 67 16.81 -47.68 7.25
CA LEU A 67 15.75 -47.19 8.11
C LEU A 67 16.15 -47.31 9.58
N VAL A 68 16.66 -48.48 9.96
CA VAL A 68 17.07 -48.69 11.34
C VAL A 68 18.24 -47.78 11.68
N GLU A 69 19.01 -47.44 10.65
CA GLU A 69 20.16 -46.56 10.83
C GLU A 69 19.70 -45.10 10.74
N GLU A 70 18.68 -44.84 9.93
CA GLU A 70 18.17 -43.49 9.71
C GLU A 70 17.58 -42.82 10.94
N VAL A 71 17.81 -43.41 12.10
CA VAL A 71 17.31 -42.82 13.34
C VAL A 71 18.30 -43.16 14.44
N LEU A 72 18.14 -44.35 15.04
CA LEU A 72 19.01 -44.78 16.12
C LEU A 72 20.42 -45.17 15.67
N ALA A 73 21.12 -44.23 15.03
CA ALA A 73 22.47 -44.47 14.54
C ALA A 73 23.54 -43.95 15.51
N GLY A 74 24.57 -43.36 14.93
CA GLY A 74 25.64 -42.78 15.72
C GLY A 74 26.46 -43.71 16.59
N GLN A 75 26.05 -43.87 17.85
CA GLN A 75 26.78 -44.72 18.80
C GLN A 75 26.64 -46.23 18.60
N THR A 76 27.22 -46.72 17.51
CA THR A 76 27.19 -48.15 17.18
C THR A 76 27.60 -48.41 15.73
N GLU A 77 28.29 -49.53 15.51
CA GLU A 77 28.70 -49.90 14.16
C GLU A 77 27.64 -50.83 13.56
N PHE A 78 27.27 -50.58 12.31
CA PHE A 78 26.27 -51.41 11.65
C PHE A 78 26.88 -52.32 10.58
N VAL A 79 26.22 -53.44 10.33
CA VAL A 79 26.64 -54.38 9.29
C VAL A 79 25.37 -54.97 8.70
N THR A 80 25.32 -55.03 7.37
CA THR A 80 24.15 -55.55 6.69
C THR A 80 24.28 -56.99 6.21
N GLN A 81 23.17 -57.71 6.28
CA GLN A 81 23.15 -59.06 5.78
C GLN A 81 22.01 -59.12 4.75
N SER A 82 22.40 -59.26 3.49
CA SER A 82 21.46 -59.31 2.38
C SER A 82 20.81 -60.69 2.26
N GLU A 83 21.36 -61.66 2.97
CA GLU A 83 20.87 -63.03 2.93
C GLU A 83 20.64 -63.54 4.35
N GLN A 84 19.46 -64.12 4.60
CA GLN A 84 19.15 -64.63 5.93
C GLN A 84 19.42 -66.12 6.06
N LEU A 85 20.56 -66.45 6.66
CA LEU A 85 20.96 -67.82 6.87
C LEU A 85 21.15 -68.15 8.35
N GLY A 86 20.32 -67.54 9.21
CA GLY A 86 20.40 -67.83 10.63
C GLY A 86 21.27 -66.95 11.50
N THR A 87 21.13 -67.13 12.81
CA THR A 87 21.89 -66.36 13.80
C THR A 87 23.40 -66.55 13.70
N GLY A 88 23.85 -67.74 13.29
CA GLY A 88 25.27 -68.01 13.14
C GLY A 88 25.84 -67.12 12.06
N HIS A 89 25.13 -67.09 10.93
CA HIS A 89 25.50 -66.26 9.81
C HIS A 89 25.49 -64.78 10.21
N ALA A 90 24.43 -64.37 10.91
CA ALA A 90 24.29 -62.98 11.33
C ALA A 90 25.51 -62.53 12.14
N VAL A 91 25.89 -63.30 13.15
CA VAL A 91 27.05 -62.95 13.97
C VAL A 91 28.34 -63.10 13.13
N MET A 92 28.30 -63.94 12.10
CA MET A 92 29.48 -64.08 11.25
C MET A 92 29.73 -62.80 10.49
N MET A 93 28.67 -62.01 10.28
CA MET A 93 28.80 -60.75 9.56
C MET A 93 29.58 -59.69 10.34
N THR A 94 29.76 -59.91 11.64
CA THR A 94 30.53 -58.96 12.47
C THR A 94 32.00 -59.38 12.55
N GLU A 95 32.36 -60.46 11.86
CA GLU A 95 33.72 -60.98 11.81
C GLU A 95 34.73 -59.89 11.42
N PRO A 96 34.48 -59.18 10.30
CA PRO A 96 35.39 -58.13 9.84
C PRO A 96 35.83 -57.14 10.93
N ILE A 97 35.05 -57.06 12.01
CA ILE A 97 35.34 -56.11 13.09
C ILE A 97 35.75 -56.67 14.45
N LEU A 98 35.33 -57.89 14.77
CA LEU A 98 35.68 -58.47 16.06
C LEU A 98 36.67 -59.62 16.01
N GLU A 99 37.01 -60.03 14.79
CA GLU A 99 37.96 -61.13 14.55
C GLU A 99 39.36 -60.84 15.14
N GLY A 100 39.82 -61.73 16.02
CA GLY A 100 41.13 -61.58 16.64
C GLY A 100 41.17 -60.95 18.03
N LEU A 101 40.33 -59.95 18.30
CA LEU A 101 40.31 -59.28 19.59
C LEU A 101 40.07 -60.24 20.74
N SER A 102 40.64 -59.95 21.89
CA SER A 102 40.48 -60.80 23.04
C SER A 102 39.49 -60.15 24.02
N GLY A 103 38.82 -60.95 24.84
CA GLY A 103 37.87 -60.42 25.81
C GLY A 103 36.60 -61.21 25.98
N HIS A 104 35.49 -60.49 26.08
CA HIS A 104 34.19 -61.14 26.25
C HIS A 104 33.17 -60.48 25.33
N THR A 105 32.42 -61.31 24.61
CA THR A 105 31.44 -60.83 23.65
C THR A 105 30.04 -61.27 23.94
N LEU A 106 29.19 -60.26 24.13
CA LEU A 106 27.77 -60.46 24.41
C LEU A 106 27.03 -60.50 23.07
N VAL A 107 26.23 -61.54 22.89
CA VAL A 107 25.43 -61.66 21.67
C VAL A 107 23.98 -61.55 22.14
N ILE A 108 23.28 -60.52 21.71
CA ILE A 108 21.90 -60.31 22.17
C ILE A 108 20.95 -59.87 21.02
N ALA A 109 19.69 -60.31 21.07
CA ALA A 109 18.69 -59.95 20.05
C ALA A 109 18.07 -58.57 20.30
N GLY A 110 17.75 -57.86 19.23
CA GLY A 110 17.17 -56.54 19.39
C GLY A 110 15.71 -56.61 19.78
N ASP A 111 15.21 -57.83 20.01
CA ASP A 111 13.80 -58.00 20.35
C ASP A 111 13.54 -58.48 21.76
N THR A 112 14.53 -58.31 22.64
CA THR A 112 14.36 -58.68 24.04
C THR A 112 14.56 -57.38 24.81
N PRO A 113 13.62 -56.44 24.67
CA PRO A 113 13.71 -55.14 25.35
C PRO A 113 13.55 -55.11 26.87
N LEU A 114 13.17 -56.21 27.50
CA LEU A 114 12.98 -56.16 28.95
C LEU A 114 14.23 -56.53 29.76
N ILE A 115 15.23 -57.12 29.11
CA ILE A 115 16.44 -57.48 29.85
C ILE A 115 17.07 -56.19 30.38
N THR A 116 17.51 -56.20 31.64
CA THR A 116 18.11 -55.03 32.23
C THR A 116 19.65 -55.01 32.21
N GLY A 117 20.22 -53.82 32.38
CA GLY A 117 21.67 -53.70 32.43
C GLY A 117 22.22 -54.50 33.61
N GLU A 118 21.49 -54.49 34.71
CA GLU A 118 21.91 -55.21 35.89
C GLU A 118 22.01 -56.71 35.60
N SER A 119 21.16 -57.24 34.75
CA SER A 119 21.24 -58.68 34.45
C SER A 119 22.37 -58.98 33.48
N LEU A 120 22.59 -58.09 32.53
CA LEU A 120 23.68 -58.30 31.60
C LEU A 120 24.93 -58.38 32.45
N LYS A 121 25.14 -57.38 33.31
CA LYS A 121 26.29 -57.36 34.22
C LYS A 121 26.40 -58.64 35.03
N ASN A 122 25.32 -59.09 35.66
CA ASN A 122 25.43 -60.32 36.43
C ASN A 122 25.82 -61.47 35.50
N LEU A 123 25.44 -61.36 34.23
CA LEU A 123 25.72 -62.40 33.23
C LEU A 123 27.23 -62.46 32.99
N ILE A 124 27.87 -61.32 32.77
CA ILE A 124 29.31 -61.31 32.54
C ILE A 124 30.05 -61.80 33.80
N ASP A 125 29.82 -61.14 34.93
CA ASP A 125 30.45 -61.53 36.18
C ASP A 125 30.47 -63.06 36.28
N PHE A 126 29.29 -63.67 36.13
CA PHE A 126 29.18 -65.12 36.22
C PHE A 126 30.13 -65.76 35.22
N HIS A 127 30.12 -65.22 33.99
CA HIS A 127 30.97 -65.72 32.92
C HIS A 127 32.43 -65.81 33.37
N ILE A 128 32.96 -64.68 33.84
CA ILE A 128 34.33 -64.63 34.31
C ILE A 128 34.57 -65.45 35.58
N ASN A 129 33.66 -65.33 36.55
CA ASN A 129 33.76 -66.07 37.81
C ASN A 129 33.84 -67.59 37.63
N HIS A 130 33.67 -68.07 36.40
CA HIS A 130 33.74 -69.51 36.14
C HIS A 130 34.66 -69.81 34.96
N LYS A 131 35.32 -68.78 34.47
CA LYS A 131 36.24 -68.92 33.34
C LYS A 131 35.62 -69.65 32.14
N ASN A 132 34.28 -69.72 32.10
CA ASN A 132 33.62 -70.39 30.99
C ASN A 132 34.11 -69.90 29.64
N VAL A 133 33.85 -70.67 28.60
CA VAL A 133 34.23 -70.30 27.25
C VAL A 133 32.99 -69.62 26.66
N ALA A 134 31.84 -70.10 27.13
CA ALA A 134 30.54 -69.58 26.72
C ALA A 134 29.54 -69.79 27.86
N THR A 135 28.71 -68.78 28.09
CA THR A 135 27.67 -68.80 29.10
C THR A 135 26.34 -68.42 28.48
N ILE A 136 25.35 -69.27 28.68
CA ILE A 136 24.01 -69.11 28.16
C ILE A 136 23.11 -68.42 29.18
N LEU A 137 22.51 -67.28 28.83
CA LEU A 137 21.60 -66.61 29.76
C LEU A 137 20.33 -67.45 29.72
N THR A 138 19.97 -68.01 30.86
CA THR A 138 18.79 -68.85 30.93
C THR A 138 17.76 -68.37 31.95
N ALA A 139 16.64 -69.07 32.03
CA ALA A 139 15.57 -68.73 32.97
C ALA A 139 14.69 -69.97 33.14
N GLU A 140 13.87 -69.98 34.19
CA GLU A 140 13.01 -71.12 34.42
C GLU A 140 11.53 -70.77 34.29
N THR A 141 10.79 -71.64 33.62
CA THR A 141 9.35 -71.46 33.42
C THR A 141 8.70 -72.82 33.61
N ASP A 142 7.42 -72.84 33.98
CA ASP A 142 6.72 -74.09 34.18
C ASP A 142 6.12 -74.62 32.87
N ASN A 143 6.30 -73.86 31.80
CA ASN A 143 5.80 -74.25 30.49
C ASN A 143 6.93 -74.08 29.48
N PRO A 144 7.93 -74.96 29.55
CA PRO A 144 9.08 -74.92 28.65
C PRO A 144 8.77 -75.23 27.20
N PHE A 145 7.53 -75.60 26.90
CA PHE A 145 7.17 -75.94 25.53
C PHE A 145 7.65 -74.96 24.48
N GLY A 146 8.41 -75.48 23.52
CA GLY A 146 8.93 -74.68 22.43
C GLY A 146 10.37 -74.23 22.61
N TYR A 147 10.68 -73.75 23.81
CA TYR A 147 12.02 -73.27 24.12
C TYR A 147 13.06 -74.38 24.07
N GLY A 148 14.32 -73.97 23.91
CA GLY A 148 15.40 -74.94 23.91
C GLY A 148 15.65 -75.27 25.37
N ARG A 149 15.81 -76.55 25.67
CA ARG A 149 16.06 -77.01 27.04
C ARG A 149 17.55 -76.98 27.39
N ILE A 150 17.85 -76.73 28.66
CA ILE A 150 19.22 -76.71 29.14
C ILE A 150 19.50 -77.99 29.93
N VAL A 151 20.45 -78.79 29.44
CA VAL A 151 20.81 -80.04 30.10
C VAL A 151 22.10 -79.89 30.89
N VAL A 158 26.66 -77.56 32.61
CA VAL A 158 25.91 -77.44 31.36
C VAL A 158 26.49 -78.34 30.27
N LEU A 159 25.63 -79.11 29.62
CA LEU A 159 26.07 -80.01 28.56
C LEU A 159 25.64 -79.60 27.16
N ARG A 160 24.34 -79.40 26.96
CA ARG A 160 23.83 -79.05 25.64
C ARG A 160 22.42 -78.44 25.64
N ILE A 161 22.14 -77.63 24.61
CA ILE A 161 20.84 -76.98 24.46
C ILE A 161 19.95 -77.81 23.54
N VAL A 162 19.16 -78.70 24.13
CA VAL A 162 18.27 -79.55 23.35
C VAL A 162 17.03 -78.81 22.89
N GLU A 163 16.75 -78.89 21.60
CA GLU A 163 15.58 -78.22 21.05
C GLU A 163 14.31 -79.00 21.34
N GLN A 164 13.16 -78.37 21.12
CA GLN A 164 11.87 -78.99 21.38
C GLN A 164 11.66 -80.29 20.59
N LYS A 165 11.99 -80.26 19.30
CA LYS A 165 11.83 -81.45 18.46
C LYS A 165 12.86 -82.52 18.80
N ASP A 166 14.14 -82.13 18.84
CA ASP A 166 15.20 -83.07 19.14
C ASP A 166 15.23 -83.47 20.62
N ALA A 167 14.15 -83.17 21.34
CA ALA A 167 14.09 -83.48 22.76
C ALA A 167 13.46 -84.84 23.03
N THR A 168 14.04 -85.55 24.01
CA THR A 168 13.60 -86.87 24.42
C THR A 168 12.42 -86.77 25.39
N ASP A 169 11.53 -87.77 25.37
CA ASP A 169 10.37 -87.76 26.25
C ASP A 169 10.76 -87.30 27.66
N PHE A 170 12.03 -87.43 27.99
CA PHE A 170 12.53 -87.03 29.30
C PHE A 170 12.93 -85.57 29.28
N GLU A 171 13.85 -85.22 28.37
CA GLU A 171 14.33 -83.85 28.26
C GLU A 171 13.24 -82.77 28.16
N LYS A 172 12.10 -83.10 27.55
CA LYS A 172 11.00 -82.15 27.42
C LYS A 172 10.42 -81.77 28.78
N GLN A 173 11.17 -82.04 29.84
CA GLN A 173 10.71 -81.75 31.20
C GLN A 173 11.57 -80.69 31.87
N ILE A 174 12.71 -80.39 31.27
CA ILE A 174 13.62 -79.38 31.82
C ILE A 174 12.93 -78.02 31.90
N LYS A 175 12.84 -77.50 33.11
CA LYS A 175 12.20 -76.22 33.39
C LYS A 175 13.03 -75.03 32.92
N GLU A 176 14.35 -75.19 32.99
CA GLU A 176 15.28 -74.13 32.59
C GLU A 176 15.40 -74.04 31.06
N ILE A 177 15.13 -72.85 30.52
CA ILE A 177 15.21 -72.65 29.07
C ILE A 177 16.26 -71.62 28.65
N ASN A 178 16.60 -71.65 27.36
CA ASN A 178 17.57 -70.78 26.72
C ASN A 178 16.93 -69.47 26.30
N THR A 179 17.46 -68.34 26.74
CA THR A 179 16.87 -67.07 26.34
C THR A 179 17.36 -66.54 25.01
N GLY A 180 18.43 -67.14 24.47
CA GLY A 180 19.00 -66.67 23.21
C GLY A 180 19.97 -65.51 23.41
N THR A 181 20.42 -65.31 24.65
CA THR A 181 21.37 -64.23 24.95
C THR A 181 22.64 -64.96 25.37
N TYR A 182 23.78 -64.63 24.79
CA TYR A 182 25.00 -65.32 25.20
C TYR A 182 26.25 -64.46 25.38
N VAL A 183 27.21 -65.04 26.08
CA VAL A 183 28.53 -64.44 26.29
C VAL A 183 29.54 -65.54 25.89
N PHE A 184 30.43 -65.20 24.95
CA PHE A 184 31.44 -66.11 24.42
C PHE A 184 32.81 -65.46 24.56
N ASP A 185 33.87 -66.27 24.57
CA ASP A 185 35.22 -65.71 24.58
C ASP A 185 35.35 -65.33 23.11
N ASN A 186 35.61 -64.06 22.82
CA ASN A 186 35.68 -63.61 21.44
C ASN A 186 36.56 -64.44 20.48
N GLU A 187 37.74 -64.85 20.93
CA GLU A 187 38.64 -65.62 20.07
C GLU A 187 38.05 -66.96 19.61
N ARG A 188 37.54 -67.75 20.55
CA ARG A 188 36.95 -69.05 20.22
C ARG A 188 35.61 -68.97 19.48
N LEU A 189 34.86 -67.89 19.71
CA LEU A 189 33.56 -67.70 19.05
C LEU A 189 33.67 -67.69 17.53
N PHE A 190 34.52 -66.83 17.00
CA PHE A 190 34.68 -66.76 15.55
C PHE A 190 35.35 -68.00 15.00
N GLU A 191 36.12 -68.69 15.83
CA GLU A 191 36.75 -69.90 15.37
C GLU A 191 35.67 -70.93 15.07
N ALA A 192 34.89 -71.29 16.09
CA ALA A 192 33.84 -72.28 15.93
C ALA A 192 32.91 -71.98 14.76
N LEU A 193 32.51 -70.72 14.60
CA LEU A 193 31.62 -70.33 13.50
C LEU A 193 32.30 -70.55 12.14
N LYS A 194 33.54 -70.11 12.05
CA LYS A 194 34.30 -70.28 10.81
C LYS A 194 34.28 -71.76 10.45
N ASN A 195 34.52 -72.60 11.46
CA ASN A 195 34.54 -74.04 11.30
C ASN A 195 33.20 -74.61 10.86
N ILE A 196 32.20 -74.47 11.71
CA ILE A 196 30.85 -74.97 11.40
C ILE A 196 30.43 -74.62 9.98
N ASN A 197 30.53 -73.34 9.62
CA ASN A 197 30.12 -72.87 8.30
C ASN A 197 30.64 -73.66 7.11
N THR A 198 31.90 -74.10 7.17
CA THR A 198 32.51 -74.84 6.06
C THR A 198 32.18 -76.34 6.07
N ASN A 199 32.13 -76.93 7.25
CA ASN A 199 31.82 -78.36 7.37
C ASN A 199 30.40 -78.53 7.86
N ASN A 200 29.53 -77.59 7.51
CA ASN A 200 28.14 -77.61 7.92
C ASN A 200 27.26 -78.52 7.08
N ALA A 201 27.60 -78.65 5.80
CA ALA A 201 26.83 -79.47 4.86
C ALA A 201 25.41 -78.93 4.72
N GLN A 202 25.22 -77.69 5.19
CA GLN A 202 23.92 -77.03 5.13
C GLN A 202 24.18 -75.53 4.86
N GLY A 203 23.14 -74.82 4.48
CA GLY A 203 23.31 -73.39 4.22
C GLY A 203 23.34 -72.58 5.49
N GLU A 204 22.22 -72.59 6.22
CA GLU A 204 22.09 -71.82 7.46
C GLU A 204 22.61 -72.52 8.69
N TYR A 205 23.23 -71.73 9.57
CA TYR A 205 23.79 -72.24 10.81
C TYR A 205 23.41 -71.33 11.98
N TYR A 206 23.02 -71.95 13.08
CA TYR A 206 22.58 -71.23 14.26
C TYR A 206 23.66 -71.04 15.30
N ILE A 207 23.58 -69.93 16.00
CA ILE A 207 24.55 -69.59 17.02
C ILE A 207 24.60 -70.68 18.12
N THR A 208 23.51 -71.42 18.30
CA THR A 208 23.49 -72.48 19.31
C THR A 208 24.37 -73.65 18.85
N ASP A 209 24.81 -73.65 17.60
CA ASP A 209 25.67 -74.72 17.11
C ASP A 209 27.04 -74.59 17.75
N VAL A 210 27.45 -73.36 18.03
CA VAL A 210 28.74 -73.11 18.65
C VAL A 210 28.78 -73.77 20.03
N ILE A 211 27.62 -73.81 20.67
CA ILE A 211 27.52 -74.43 21.98
C ILE A 211 27.75 -75.93 21.76
N GLY A 212 27.39 -76.39 20.57
CA GLY A 212 27.60 -77.79 20.24
C GLY A 212 29.08 -78.09 20.06
N ILE A 213 29.80 -77.19 19.41
CA ILE A 213 31.24 -77.35 19.18
C ILE A 213 32.04 -77.39 20.50
N PHE A 214 31.72 -76.51 21.44
CA PHE A 214 32.45 -76.49 22.72
C PHE A 214 32.17 -77.73 23.53
N ARG A 215 31.11 -78.43 23.16
CA ARG A 215 30.73 -79.66 23.84
C ARG A 215 31.69 -80.75 23.32
N GLU A 216 31.89 -80.77 22.01
CA GLU A 216 32.79 -81.72 21.36
C GLU A 216 34.20 -81.58 21.92
N THR A 217 34.68 -80.35 21.89
CA THR A 217 36.02 -80.00 22.36
C THR A 217 36.17 -80.04 23.88
N GLY A 218 35.07 -80.32 24.56
CA GLY A 218 35.12 -80.39 26.01
C GLY A 218 35.36 -79.07 26.71
N GLU A 219 35.14 -77.96 26.00
CA GLU A 219 35.33 -76.64 26.60
C GLU A 219 34.22 -76.30 27.63
N LYS A 220 34.52 -75.41 28.56
CA LYS A 220 33.61 -75.03 29.64
C LYS A 220 32.43 -74.13 29.20
N VAL A 221 31.22 -74.60 29.46
CA VAL A 221 30.03 -73.86 29.10
C VAL A 221 29.11 -73.63 30.29
N GLY A 222 29.03 -72.38 30.76
CA GLY A 222 28.18 -72.08 31.90
C GLY A 222 26.81 -71.55 31.54
N ALA A 223 26.00 -71.29 32.55
CA ALA A 223 24.65 -70.76 32.35
C ALA A 223 24.23 -69.91 33.52
N TYR A 224 23.88 -68.66 33.24
CA TYR A 224 23.42 -67.77 34.28
C TYR A 224 21.90 -67.81 34.26
N THR A 225 21.29 -68.04 35.42
CA THR A 225 19.84 -68.09 35.46
C THR A 225 19.23 -66.77 35.96
N LEU A 226 18.31 -66.23 35.18
CA LEU A 226 17.65 -64.98 35.55
C LEU A 226 16.66 -65.26 36.67
N LYS A 227 16.51 -64.29 37.56
CA LYS A 227 15.56 -64.43 38.66
C LYS A 227 14.14 -64.28 38.13
N ASP A 228 13.92 -63.29 37.26
CA ASP A 228 12.61 -63.04 36.67
C ASP A 228 12.53 -63.57 35.24
N PHE A 229 11.72 -64.58 35.00
CA PHE A 229 11.56 -65.16 33.67
C PHE A 229 10.96 -64.20 32.62
N ASP A 230 10.08 -63.33 33.07
CA ASP A 230 9.39 -62.37 32.20
C ASP A 230 10.34 -61.36 31.55
N GLU A 231 11.51 -61.14 32.14
CA GLU A 231 12.49 -60.22 31.59
C GLU A 231 13.14 -60.83 30.34
N SER A 232 12.94 -62.13 30.13
CA SER A 232 13.55 -62.79 28.98
C SER A 232 12.69 -62.74 27.71
N LEU A 233 11.49 -62.19 27.84
CA LEU A 233 10.54 -62.07 26.73
C LEU A 233 11.10 -61.62 25.39
N GLY A 234 10.94 -62.44 24.37
CA GLY A 234 11.36 -62.09 23.02
C GLY A 234 10.09 -61.67 22.30
N VAL A 235 10.09 -60.53 21.62
CA VAL A 235 8.87 -60.06 20.97
C VAL A 235 8.82 -60.49 19.52
N ASN A 236 7.86 -61.37 19.23
CA ASN A 236 7.67 -61.87 17.88
C ASN A 236 6.36 -61.46 17.27
N ASP A 237 5.41 -61.06 18.10
CA ASP A 237 4.14 -60.62 17.54
C ASP A 237 3.59 -59.46 18.38
N ARG A 238 2.42 -58.94 18.03
CA ARG A 238 1.90 -57.84 18.79
C ARG A 238 1.34 -58.19 20.17
N VAL A 239 1.11 -59.47 20.43
CA VAL A 239 0.63 -59.90 21.75
C VAL A 239 1.83 -59.75 22.71
N ALA A 240 3.01 -60.18 22.29
CA ALA A 240 4.19 -60.04 23.15
C ALA A 240 4.63 -58.58 23.22
N LEU A 241 4.31 -57.81 22.20
CA LEU A 241 4.67 -56.39 22.23
C LEU A 241 3.85 -55.73 23.37
N ALA A 242 2.57 -56.06 23.44
CA ALA A 242 1.72 -55.49 24.50
C ALA A 242 2.23 -55.97 25.87
N THR A 243 2.69 -57.22 25.96
CA THR A 243 3.21 -57.71 27.22
C THR A 243 4.46 -56.91 27.61
N ALA A 244 5.30 -56.61 26.63
CA ALA A 244 6.50 -55.82 26.89
C ALA A 244 6.11 -54.42 27.40
N GLU A 245 5.10 -53.78 26.79
CA GLU A 245 4.69 -52.46 27.24
C GLU A 245 4.15 -52.56 28.68
N SER A 246 3.43 -53.63 29.00
CA SER A 246 2.89 -53.84 30.34
C SER A 246 3.97 -53.94 31.44
N VAL A 247 5.00 -54.74 31.17
CA VAL A 247 6.13 -54.86 32.10
C VAL A 247 6.89 -53.53 32.23
N MET A 248 7.21 -52.93 31.08
CA MET A 248 7.95 -51.65 31.04
C MET A 248 7.15 -50.53 31.76
N ARG A 249 5.82 -50.52 31.57
CA ARG A 249 5.00 -49.55 32.24
C ARG A 249 5.05 -49.68 33.77
N ARG A 250 5.06 -50.91 34.24
CA ARG A 250 5.09 -51.20 35.66
C ARG A 250 6.45 -50.80 36.24
N ARG A 251 7.48 -51.12 35.50
CA ARG A 251 8.84 -50.75 35.90
C ARG A 251 9.01 -49.23 36.01
N ILE A 252 8.59 -48.51 34.99
CA ILE A 252 8.70 -47.07 34.98
C ILE A 252 7.90 -46.43 36.14
N ASN A 253 6.67 -46.90 36.34
CA ASN A 253 5.80 -46.33 37.35
C ASN A 253 6.26 -46.68 38.75
N HIS A 254 6.91 -47.83 38.87
CA HIS A 254 7.41 -48.27 40.14
C HIS A 254 8.47 -47.28 40.60
N LYS A 255 9.45 -47.03 39.73
CA LYS A 255 10.54 -46.08 40.01
C LYS A 255 9.98 -44.71 40.38
N HIS A 256 8.94 -44.25 39.70
CA HIS A 256 8.37 -42.95 40.04
C HIS A 256 7.73 -42.98 41.42
N MET A 257 7.05 -44.08 41.77
CA MET A 257 6.45 -44.18 43.08
C MET A 257 7.52 -44.18 44.20
N VAL A 258 8.57 -44.98 44.05
CA VAL A 258 9.66 -44.99 45.04
C VAL A 258 10.21 -43.56 45.20
N ASN A 259 10.18 -42.79 44.10
CA ASN A 259 10.66 -41.40 44.09
C ASN A 259 9.63 -40.36 44.58
N GLY A 260 8.53 -40.78 45.19
CA GLY A 260 7.60 -39.78 45.69
C GLY A 260 6.43 -39.35 44.83
N VAL A 261 6.21 -40.02 43.70
CA VAL A 261 5.05 -39.67 42.89
C VAL A 261 3.87 -40.60 43.23
N SER A 262 2.71 -40.02 43.53
CA SER A 262 1.52 -40.79 43.83
C SER A 262 0.73 -41.17 42.55
N PHE A 263 0.29 -42.42 42.48
CA PHE A 263 -0.50 -42.87 41.36
C PHE A 263 -1.80 -43.45 41.84
N VAL A 264 -2.93 -42.95 41.36
CA VAL A 264 -4.21 -43.57 41.71
C VAL A 264 -4.23 -45.05 41.16
N ASN A 265 -3.66 -45.28 39.96
CA ASN A 265 -3.64 -46.65 39.38
C ASN A 265 -2.43 -46.78 38.45
N PRO A 266 -1.29 -47.19 39.01
CA PRO A 266 -0.09 -47.30 38.17
C PRO A 266 -0.15 -48.34 37.06
N GLU A 267 -1.16 -49.21 37.09
CA GLU A 267 -1.32 -50.22 36.03
C GLU A 267 -2.03 -49.60 34.83
N ALA A 268 -2.57 -48.39 34.99
CA ALA A 268 -3.28 -47.73 33.88
C ALA A 268 -2.88 -46.27 33.65
N THR A 269 -1.59 -45.99 33.78
CA THR A 269 -1.06 -44.65 33.59
C THR A 269 0.05 -44.89 32.59
N TYR A 270 0.17 -44.04 31.59
CA TYR A 270 1.13 -44.29 30.52
C TYR A 270 2.26 -43.29 30.42
N ILE A 271 3.38 -43.62 31.06
CA ILE A 271 4.49 -42.68 31.06
C ILE A 271 5.72 -43.18 30.30
N ASP A 272 6.16 -42.43 29.29
CA ASP A 272 7.32 -42.81 28.49
C ASP A 272 8.57 -42.89 29.36
N ILE A 273 9.50 -43.69 28.90
CA ILE A 273 10.75 -43.96 29.59
C ILE A 273 11.60 -42.74 29.97
N ASP A 274 11.58 -41.65 29.18
CA ASP A 274 12.43 -40.50 29.54
C ASP A 274 11.75 -39.33 30.22
N VAL A 275 10.47 -39.49 30.54
CA VAL A 275 9.72 -38.44 31.22
C VAL A 275 10.30 -38.25 32.64
N GLU A 276 10.44 -37.01 33.06
CA GLU A 276 10.94 -36.73 34.40
C GLU A 276 9.81 -36.14 35.25
N ILE A 277 9.71 -36.61 36.48
CA ILE A 277 8.66 -36.20 37.36
C ILE A 277 9.17 -35.99 38.77
N ALA A 278 8.99 -34.78 39.24
CA ALA A 278 9.41 -34.39 40.55
C ALA A 278 8.57 -35.05 41.63
N PRO A 279 9.17 -35.28 42.80
CA PRO A 279 8.50 -35.91 43.94
C PRO A 279 7.27 -35.08 44.34
N GLU A 280 6.30 -35.72 44.98
CA GLU A 280 5.06 -35.05 45.40
C GLU A 280 4.04 -34.78 44.27
N VAL A 281 4.38 -35.13 43.03
CA VAL A 281 3.40 -34.95 41.96
C VAL A 281 2.30 -36.03 42.19
N GLN A 282 1.08 -35.70 41.82
CA GLN A 282 -0.03 -36.63 41.99
C GLN A 282 -0.62 -36.91 40.64
N ILE A 283 -0.73 -38.19 40.34
CA ILE A 283 -1.22 -38.59 39.06
C ILE A 283 -2.43 -39.53 39.14
N GLU A 284 -3.54 -39.07 38.56
CA GLU A 284 -4.77 -39.85 38.52
C GLU A 284 -4.58 -40.91 37.44
N ALA A 285 -5.48 -41.87 37.38
CA ALA A 285 -5.37 -42.90 36.37
C ALA A 285 -5.56 -42.31 34.96
N ASN A 286 -5.10 -43.09 33.97
CA ASN A 286 -5.28 -42.73 32.57
C ASN A 286 -4.68 -41.41 32.16
N VAL A 287 -3.48 -41.14 32.66
CA VAL A 287 -2.78 -39.93 32.28
C VAL A 287 -1.69 -40.42 31.31
N ILE A 288 -1.39 -39.61 30.31
CA ILE A 288 -0.36 -39.96 29.35
C ILE A 288 0.71 -38.88 29.26
N LEU A 289 1.95 -39.29 29.49
CA LEU A 289 3.11 -38.40 29.44
C LEU A 289 4.09 -38.98 28.41
N LYS A 290 4.37 -38.21 27.36
CA LYS A 290 5.25 -38.70 26.31
C LYS A 290 6.43 -37.81 26.02
N GLY A 291 7.41 -38.44 25.39
CA GLY A 291 8.64 -37.77 24.97
C GLY A 291 9.47 -37.16 26.05
N GLN A 292 10.01 -35.99 25.75
CA GLN A 292 10.84 -35.23 26.68
C GLN A 292 9.90 -34.37 27.48
N THR A 293 9.12 -34.98 28.36
CA THR A 293 8.20 -34.21 29.16
C THR A 293 8.77 -34.12 30.57
N LYS A 294 8.50 -33.02 31.25
CA LYS A 294 9.01 -32.84 32.58
C LYS A 294 7.92 -32.20 33.45
N ILE A 295 7.78 -32.70 34.67
CA ILE A 295 6.71 -32.23 35.55
C ILE A 295 7.29 -31.76 36.88
N GLY A 296 6.95 -30.52 37.25
CA GLY A 296 7.45 -29.92 38.49
C GLY A 296 6.77 -30.38 39.76
N ALA A 297 7.37 -30.09 40.91
CA ALA A 297 6.84 -30.53 42.19
C ALA A 297 5.42 -30.08 42.52
N GLU A 298 4.70 -30.99 43.20
CA GLU A 298 3.32 -30.82 43.65
C GLU A 298 2.27 -30.58 42.57
N THR A 299 2.65 -30.85 41.33
CA THR A 299 1.72 -30.68 40.25
C THR A 299 0.70 -31.83 40.32
N VAL A 300 -0.53 -31.54 39.93
CA VAL A 300 -1.58 -32.53 39.95
C VAL A 300 -1.98 -32.75 38.51
N LEU A 301 -2.05 -34.02 38.10
CA LEU A 301 -2.45 -34.37 36.73
C LEU A 301 -3.71 -35.24 36.81
N THR A 302 -4.83 -34.78 36.26
CA THR A 302 -6.04 -35.55 36.34
C THR A 302 -6.35 -36.42 35.13
N ASN A 303 -7.22 -37.41 35.33
CA ASN A 303 -7.65 -38.36 34.34
C ASN A 303 -7.88 -37.75 32.96
N GLY A 304 -7.23 -38.33 31.97
CA GLY A 304 -7.41 -37.83 30.60
C GLY A 304 -6.30 -36.87 30.17
N THR A 305 -5.50 -36.39 31.12
CA THR A 305 -4.43 -35.47 30.73
C THR A 305 -3.41 -36.15 29.82
N TYR A 306 -3.07 -35.46 28.74
CA TYR A 306 -2.14 -35.97 27.75
C TYR A 306 -1.07 -34.89 27.48
N VAL A 307 0.18 -35.19 27.85
CA VAL A 307 1.27 -34.23 27.67
C VAL A 307 2.40 -34.80 26.81
N VAL A 308 2.82 -34.05 25.80
CA VAL A 308 3.88 -34.49 24.89
C VAL A 308 4.94 -33.42 24.71
N ASP A 309 6.20 -33.82 24.87
CA ASP A 309 7.37 -32.95 24.72
C ASP A 309 7.15 -31.57 25.33
N SER A 310 6.67 -31.53 26.56
CA SER A 310 6.41 -30.26 27.25
C SER A 310 6.99 -30.20 28.65
N THR A 311 7.07 -28.99 29.17
CA THR A 311 7.55 -28.75 30.52
C THR A 311 6.43 -28.11 31.33
N ILE A 312 6.11 -28.72 32.47
CA ILE A 312 5.06 -28.22 33.37
C ILE A 312 5.78 -27.86 34.67
N GLY A 313 5.47 -26.70 35.22
CA GLY A 313 6.12 -26.30 36.45
C GLY A 313 5.49 -26.88 37.69
N ALA A 314 5.88 -26.33 38.83
CA ALA A 314 5.43 -26.77 40.14
C ALA A 314 4.13 -26.12 40.52
N GLY A 315 3.36 -26.83 41.34
CA GLY A 315 2.09 -26.28 41.78
C GLY A 315 1.03 -26.12 40.70
N ALA A 316 1.18 -26.75 39.52
CA ALA A 316 0.17 -26.62 38.46
C ALA A 316 -0.95 -27.67 38.61
N VAL A 317 -2.07 -27.45 37.96
CA VAL A 317 -3.17 -28.43 37.99
C VAL A 317 -3.62 -28.54 36.56
N ILE A 318 -3.41 -29.72 35.98
CA ILE A 318 -3.79 -29.95 34.61
C ILE A 318 -4.99 -30.89 34.69
N THR A 319 -6.14 -30.40 34.25
CA THR A 319 -7.33 -31.17 34.31
C THR A 319 -7.78 -31.62 32.96
N ASN A 320 -7.77 -32.93 32.74
CA ASN A 320 -8.25 -33.50 31.46
C ASN A 320 -7.90 -32.66 30.22
N SER A 321 -6.63 -32.38 29.99
CA SER A 321 -6.28 -31.53 28.85
C SER A 321 -5.12 -32.04 28.03
N MET A 322 -4.99 -31.50 26.82
CA MET A 322 -3.91 -31.93 25.94
C MET A 322 -2.86 -30.79 25.74
N ILE A 323 -1.61 -31.09 26.06
CA ILE A 323 -0.51 -30.13 25.99
C ILE A 323 0.64 -30.69 25.16
N GLU A 324 0.97 -29.99 24.08
CA GLU A 324 2.01 -30.42 23.16
C GLU A 324 3.07 -29.34 22.89
N GLU A 325 4.33 -29.76 22.99
CA GLU A 325 5.53 -28.94 22.74
C GLU A 325 5.41 -27.54 23.25
N SER A 326 5.10 -27.41 24.53
CA SER A 326 4.90 -26.12 25.15
C SER A 326 5.57 -26.03 26.50
N SER A 327 5.45 -24.87 27.13
CA SER A 327 6.05 -24.69 28.44
C SER A 327 4.99 -24.06 29.31
N VAL A 328 4.87 -24.60 30.51
CA VAL A 328 3.87 -24.13 31.43
C VAL A 328 4.56 -23.80 32.75
N ALA A 329 4.39 -22.57 33.20
CA ALA A 329 4.99 -22.12 34.45
C ALA A 329 4.30 -22.67 35.69
N ASP A 330 4.84 -22.29 36.85
CA ASP A 330 4.32 -22.66 38.15
C ASP A 330 2.94 -22.07 38.40
N GLY A 331 2.12 -22.86 39.08
CA GLY A 331 0.78 -22.42 39.45
C GLY A 331 -0.27 -22.29 38.35
N VAL A 332 0.01 -22.78 37.16
CA VAL A 332 -0.95 -22.70 36.08
C VAL A 332 -2.07 -23.75 36.26
N THR A 333 -3.30 -23.35 35.93
CA THR A 333 -4.44 -24.25 35.96
C THR A 333 -4.92 -24.37 34.53
N VAL A 334 -5.03 -25.60 34.03
CA VAL A 334 -5.49 -25.85 32.66
C VAL A 334 -6.62 -26.89 32.68
N GLY A 335 -7.69 -26.59 31.95
CA GLY A 335 -8.81 -27.51 31.87
C GLY A 335 -10.07 -27.27 32.66
N PRO A 336 -11.05 -28.19 32.55
CA PRO A 336 -10.94 -29.39 31.70
C PRO A 336 -11.14 -29.08 30.25
N TYR A 337 -10.73 -30.03 29.39
CA TYR A 337 -10.92 -29.94 27.94
C TYR A 337 -10.29 -28.75 27.25
N ALA A 338 -9.03 -28.46 27.53
CA ALA A 338 -8.34 -27.35 26.85
C ALA A 338 -7.26 -28.02 25.95
N HIS A 339 -6.79 -27.31 24.96
CA HIS A 339 -5.80 -27.88 24.10
C HIS A 339 -4.68 -26.85 23.98
N ILE A 340 -3.50 -27.17 24.52
CA ILE A 340 -2.37 -26.23 24.38
C ILE A 340 -1.50 -26.83 23.27
N ARG A 341 -1.47 -26.16 22.14
CA ARG A 341 -0.76 -26.64 20.98
C ARG A 341 0.69 -26.20 20.89
N PRO A 342 1.47 -26.78 19.95
CA PRO A 342 2.88 -26.45 19.80
C PRO A 342 3.35 -25.01 19.90
N ASN A 343 4.48 -24.87 20.58
CA ASN A 343 5.19 -23.61 20.76
C ASN A 343 4.46 -22.51 21.52
N SER A 344 3.73 -22.90 22.56
CA SER A 344 3.00 -21.96 23.39
C SER A 344 3.74 -21.94 24.74
N SER A 345 3.60 -20.86 25.44
CA SER A 345 4.22 -20.70 26.74
C SER A 345 3.18 -20.04 27.61
N LEU A 346 2.92 -20.61 28.78
CA LEU A 346 1.94 -20.04 29.71
C LEU A 346 2.67 -19.55 30.96
N GLY A 347 2.60 -18.24 31.22
CA GLY A 347 3.29 -17.70 32.38
C GLY A 347 2.68 -18.10 33.71
N ALA A 348 3.42 -17.82 34.79
CA ALA A 348 2.99 -18.12 36.15
C ALA A 348 1.55 -17.70 36.47
N GLN A 349 0.83 -18.63 37.12
CA GLN A 349 -0.55 -18.44 37.55
C GLN A 349 -1.59 -18.15 36.46
N VAL A 350 -1.25 -18.44 35.23
CA VAL A 350 -2.17 -18.28 34.12
C VAL A 350 -3.30 -19.33 34.30
N HIS A 351 -4.48 -19.00 33.80
CA HIS A 351 -5.61 -19.92 33.86
C HIS A 351 -6.25 -20.08 32.50
N ILE A 352 -6.29 -21.32 32.03
CA ILE A 352 -6.93 -21.66 30.74
C ILE A 352 -8.07 -22.64 31.13
N GLY A 353 -9.31 -22.21 30.91
CA GLY A 353 -10.43 -23.06 31.28
C GLY A 353 -10.86 -24.06 30.21
N ASN A 354 -12.13 -24.44 30.26
CA ASN A 354 -12.67 -25.38 29.32
C ASN A 354 -12.92 -24.88 27.93
N PHE A 355 -12.63 -25.77 26.97
CA PHE A 355 -12.81 -25.52 25.55
C PHE A 355 -12.00 -24.34 25.02
N VAL A 356 -10.77 -24.19 25.51
CA VAL A 356 -9.86 -23.14 25.05
C VAL A 356 -8.69 -23.75 24.29
N GLU A 357 -8.33 -23.14 23.18
CA GLU A 357 -7.23 -23.62 22.38
C GLU A 357 -6.18 -22.51 22.30
N VAL A 358 -4.95 -22.83 22.71
CA VAL A 358 -3.85 -21.89 22.67
C VAL A 358 -2.85 -22.48 21.74
N LYS A 359 -2.53 -21.76 20.66
CA LYS A 359 -1.58 -22.24 19.63
C LYS A 359 -0.48 -21.22 19.25
N GLY A 360 0.77 -21.59 19.47
CA GLY A 360 1.90 -20.73 19.13
C GLY A 360 1.87 -19.34 19.72
N SER A 361 1.38 -19.23 20.95
CA SER A 361 1.28 -17.95 21.60
C SER A 361 1.96 -17.93 22.95
N SER A 362 2.47 -16.76 23.32
CA SER A 362 3.08 -16.61 24.63
C SER A 362 2.01 -15.89 25.45
N ILE A 363 1.86 -16.29 26.69
CA ILE A 363 0.84 -15.71 27.52
C ILE A 363 1.46 -15.30 28.83
N GLY A 364 1.38 -14.02 29.14
CA GLY A 364 1.97 -13.48 30.36
C GLY A 364 1.31 -13.92 31.63
N GLU A 365 1.97 -13.70 32.77
CA GLU A 365 1.42 -14.17 34.01
C GLU A 365 0.13 -13.58 34.47
N ASN A 366 -0.64 -14.44 35.14
CA ASN A 366 -1.97 -14.12 35.69
C ASN A 366 -3.04 -13.91 34.66
N THR A 367 -2.73 -14.09 33.38
CA THR A 367 -3.75 -13.90 32.35
C THR A 367 -4.77 -15.04 32.46
N LYS A 368 -6.00 -14.75 32.09
CA LYS A 368 -7.10 -15.71 32.16
C LYS A 368 -7.90 -15.84 30.88
N ALA A 369 -8.06 -17.07 30.43
CA ALA A 369 -8.89 -17.39 29.25
C ALA A 369 -9.70 -18.58 29.75
N GLY A 370 -10.83 -18.29 30.39
CA GLY A 370 -11.65 -19.35 30.95
C GLY A 370 -12.65 -20.12 30.09
N HIS A 371 -13.02 -19.65 28.89
CA HIS A 371 -14.01 -20.40 28.10
C HIS A 371 -14.15 -20.18 26.62
N LEU A 372 -14.29 -21.29 25.91
CA LEU A 372 -14.55 -21.28 24.47
C LEU A 372 -13.77 -20.21 23.74
N THR A 373 -12.47 -20.29 23.82
CA THR A 373 -11.64 -19.28 23.20
C THR A 373 -10.55 -19.87 22.37
N TYR A 374 -10.17 -19.16 21.31
CA TYR A 374 -9.08 -19.59 20.44
C TYR A 374 -8.06 -18.47 20.38
N ILE A 375 -6.85 -18.76 20.84
CA ILE A 375 -5.74 -17.81 20.85
C ILE A 375 -4.60 -18.38 20.02
N GLY A 376 -4.39 -17.82 18.83
CA GLY A 376 -3.30 -18.29 17.97
C GLY A 376 -2.33 -17.20 17.54
N ASN A 377 -1.03 -17.51 17.49
CA ASN A 377 -0.01 -16.56 17.08
C ASN A 377 -0.09 -15.20 17.77
N CYS A 378 -0.35 -15.18 19.06
CA CYS A 378 -0.41 -13.90 19.78
C CYS A 378 0.68 -13.83 20.82
N GLU A 379 1.05 -12.60 21.16
CA GLU A 379 2.00 -12.33 22.23
C GLU A 379 0.99 -11.67 23.16
N VAL A 380 0.81 -12.21 24.35
CA VAL A 380 -0.17 -11.65 25.26
C VAL A 380 0.52 -11.23 26.53
N GLY A 381 0.09 -10.10 27.08
CA GLY A 381 0.71 -9.61 28.28
C GLY A 381 0.20 -10.25 29.57
N SER A 382 0.54 -9.62 30.70
CA SER A 382 0.12 -10.14 31.96
C SER A 382 -1.17 -9.48 32.41
N ASN A 383 -1.94 -10.22 33.22
CA ASN A 383 -3.22 -9.75 33.75
C ASN A 383 -4.33 -9.43 32.76
N VAL A 384 -4.21 -10.05 31.59
CA VAL A 384 -5.20 -9.90 30.51
C VAL A 384 -6.42 -10.81 30.82
N ASN A 385 -7.59 -10.41 30.36
CA ASN A 385 -8.77 -11.22 30.61
C ASN A 385 -9.48 -11.49 29.30
N PHE A 386 -9.61 -12.76 28.92
CA PHE A 386 -10.31 -13.11 27.70
C PHE A 386 -11.72 -13.58 28.08
N GLY A 387 -12.74 -12.82 27.69
CA GLY A 387 -14.09 -13.22 27.98
C GLY A 387 -14.48 -14.44 27.17
N ALA A 388 -15.43 -15.22 27.66
CA ALA A 388 -15.87 -16.41 26.97
C ALA A 388 -16.18 -16.13 25.50
N GLY A 389 -15.78 -17.04 24.60
CA GLY A 389 -16.08 -16.86 23.19
C GLY A 389 -15.19 -16.00 22.33
N THR A 390 -14.07 -15.52 22.87
CA THR A 390 -13.14 -14.67 22.11
C THR A 390 -12.38 -15.52 21.09
N ILE A 391 -12.28 -15.01 19.87
CA ILE A 391 -11.60 -15.69 18.79
C ILE A 391 -10.52 -14.80 18.17
N THR A 392 -9.30 -15.30 18.01
CA THR A 392 -8.31 -14.48 17.32
C THR A 392 -8.30 -15.03 15.89
N VAL A 393 -8.13 -14.13 14.93
CA VAL A 393 -8.11 -14.54 13.55
C VAL A 393 -6.77 -14.08 12.99
N ASN A 394 -5.94 -15.02 12.55
CA ASN A 394 -4.66 -14.62 12.00
C ASN A 394 -4.32 -15.44 10.79
N TYR A 395 -5.36 -15.87 10.08
CA TYR A 395 -5.21 -16.66 8.86
C TYR A 395 -6.15 -16.07 7.80
N ASP A 396 -5.60 -15.81 6.62
CA ASP A 396 -6.38 -15.22 5.51
C ASP A 396 -6.66 -16.26 4.41
N GLY A 397 -5.80 -17.27 4.33
CA GLY A 397 -5.96 -18.30 3.33
C GLY A 397 -4.62 -18.84 2.86
N LYS A 398 -3.62 -17.97 2.83
CA LYS A 398 -2.28 -18.35 2.39
C LYS A 398 -1.24 -17.86 3.39
N ASN A 399 -1.55 -16.74 4.05
CA ASN A 399 -0.62 -16.13 5.00
C ASN A 399 -1.17 -15.97 6.41
N LYS A 400 -0.27 -16.01 7.40
CA LYS A 400 -0.65 -15.83 8.79
C LYS A 400 -0.16 -14.47 9.27
N TYR A 401 -0.70 -14.00 10.39
CA TYR A 401 -0.29 -12.71 10.97
C TYR A 401 -0.23 -12.82 12.49
N LYS A 402 0.48 -11.91 13.13
CA LYS A 402 0.59 -11.90 14.58
C LYS A 402 -0.22 -10.77 15.24
N THR A 403 -0.55 -10.97 16.50
CA THR A 403 -1.30 -10.00 17.27
C THR A 403 -0.63 -9.75 18.61
N VAL A 404 -0.56 -8.47 19.00
CA VAL A 404 0.04 -8.13 20.27
C VAL A 404 -1.04 -7.58 21.22
N ILE A 405 -1.14 -8.18 22.39
CA ILE A 405 -2.12 -7.75 23.37
C ILE A 405 -1.36 -7.37 24.64
N GLY A 406 -1.40 -6.08 24.97
CA GLY A 406 -0.68 -5.55 26.11
C GLY A 406 -1.18 -6.02 27.46
N ASP A 407 -0.53 -5.50 28.49
CA ASP A 407 -0.84 -5.83 29.86
C ASP A 407 -2.15 -5.22 30.36
N ASN A 408 -2.89 -5.97 31.14
CA ASN A 408 -4.15 -5.51 31.71
C ASN A 408 -5.31 -5.22 30.76
N VAL A 409 -5.23 -5.73 29.54
CA VAL A 409 -6.29 -5.55 28.57
C VAL A 409 -7.48 -6.46 28.93
N PHE A 410 -8.66 -6.00 28.60
CA PHE A 410 -9.88 -6.75 28.84
C PHE A 410 -10.50 -7.00 27.47
N VAL A 411 -10.66 -8.26 27.09
CA VAL A 411 -11.22 -8.57 25.81
C VAL A 411 -12.61 -9.19 26.02
N GLY A 412 -13.64 -8.35 25.87
CA GLY A 412 -15.03 -8.74 26.02
C GLY A 412 -15.47 -10.02 25.32
N SER A 413 -16.40 -10.71 25.95
CA SER A 413 -16.92 -11.98 25.47
C SER A 413 -17.46 -11.91 24.07
N ASN A 414 -17.20 -12.94 23.29
CA ASN A 414 -17.66 -13.07 21.92
C ASN A 414 -17.05 -12.09 20.91
N SER A 415 -15.88 -11.56 21.22
CA SER A 415 -15.21 -10.64 20.31
C SER A 415 -14.41 -11.40 19.25
N THR A 416 -14.03 -10.69 18.19
CA THR A 416 -13.23 -11.24 17.12
C THR A 416 -12.09 -10.25 16.91
N ILE A 417 -10.87 -10.69 17.15
CA ILE A 417 -9.71 -9.86 17.02
C ILE A 417 -9.03 -10.30 15.74
N ILE A 418 -9.11 -9.48 14.70
CA ILE A 418 -8.50 -9.81 13.40
C ILE A 418 -7.12 -9.22 13.18
N ALA A 419 -6.13 -10.11 13.09
CA ALA A 419 -4.73 -9.74 12.89
C ALA A 419 -4.47 -9.34 11.45
N PRO A 420 -3.40 -8.53 11.22
CA PRO A 420 -2.49 -8.01 12.24
C PRO A 420 -3.19 -6.84 12.93
N VAL A 421 -3.00 -6.72 14.24
CA VAL A 421 -3.63 -5.68 15.04
C VAL A 421 -2.97 -5.68 16.40
N GLU A 422 -3.09 -4.58 17.12
CA GLU A 422 -2.49 -4.50 18.44
C GLU A 422 -3.44 -3.80 19.41
N LEU A 423 -3.46 -4.28 20.65
CA LEU A 423 -4.29 -3.72 21.70
C LEU A 423 -3.32 -3.21 22.74
N GLY A 424 -3.38 -1.92 23.06
CA GLY A 424 -2.46 -1.32 24.02
C GLY A 424 -2.82 -1.58 25.46
N ASP A 425 -1.84 -1.45 26.34
CA ASP A 425 -2.03 -1.68 27.78
C ASP A 425 -3.30 -1.04 28.34
N ASN A 426 -3.97 -1.78 29.21
CA ASN A 426 -5.21 -1.35 29.85
C ASN A 426 -6.36 -1.00 28.91
N SER A 427 -6.23 -1.30 27.62
CA SER A 427 -7.34 -0.99 26.73
C SER A 427 -8.47 -1.97 27.00
N LEU A 428 -9.59 -1.77 26.34
CA LEU A 428 -10.71 -2.65 26.55
C LEU A 428 -11.52 -2.84 25.30
N VAL A 429 -12.05 -4.04 25.11
CA VAL A 429 -12.87 -4.33 23.94
C VAL A 429 -14.26 -4.69 24.46
N GLY A 430 -15.28 -4.11 23.84
CA GLY A 430 -16.65 -4.41 24.25
C GLY A 430 -17.10 -5.74 23.67
N ALA A 431 -17.94 -6.46 24.41
CA ALA A 431 -18.41 -7.76 23.97
C ALA A 431 -19.08 -7.72 22.57
N GLY A 432 -19.00 -8.82 21.87
CA GLY A 432 -19.60 -8.91 20.55
C GLY A 432 -18.91 -8.07 19.48
N SER A 433 -17.78 -7.46 19.83
CA SER A 433 -17.05 -6.62 18.87
C SER A 433 -16.11 -7.35 17.89
N THR A 434 -15.88 -6.70 16.75
CA THR A 434 -14.97 -7.20 15.75
C THR A 434 -13.90 -6.13 15.59
N ILE A 435 -12.68 -6.46 15.99
CA ILE A 435 -11.58 -5.52 15.94
C ILE A 435 -10.74 -5.76 14.70
N THR A 436 -10.59 -4.70 13.90
CA THR A 436 -9.81 -4.72 12.66
C THR A 436 -8.70 -3.69 12.69
N LYS A 437 -8.74 -2.74 13.63
CA LYS A 437 -7.71 -1.71 13.73
C LYS A 437 -7.12 -1.62 15.13
N ASP A 438 -5.85 -1.24 15.22
CA ASP A 438 -5.16 -1.09 16.50
C ASP A 438 -6.04 -0.36 17.50
N VAL A 439 -5.93 -0.74 18.77
CA VAL A 439 -6.67 -0.10 19.83
C VAL A 439 -5.60 0.47 20.76
N PRO A 440 -5.50 1.82 20.83
CA PRO A 440 -4.52 2.51 21.67
C PRO A 440 -4.68 2.27 23.16
N ALA A 441 -3.60 2.44 23.91
CA ALA A 441 -3.58 2.24 25.36
C ALA A 441 -4.65 3.06 26.10
N ASP A 442 -5.38 2.39 26.99
CA ASP A 442 -6.43 2.99 27.79
C ASP A 442 -7.69 3.33 27.00
N ALA A 443 -7.69 2.99 25.73
CA ALA A 443 -8.85 3.26 24.89
C ALA A 443 -9.93 2.22 25.09
N ILE A 444 -11.01 2.36 24.35
CA ILE A 444 -12.12 1.42 24.42
C ILE A 444 -12.68 1.22 23.02
N ALA A 445 -12.46 0.02 22.46
CA ALA A 445 -12.92 -0.32 21.12
C ALA A 445 -14.23 -1.09 21.13
N ILE A 446 -15.18 -0.59 20.35
CA ILE A 446 -16.51 -1.18 20.24
C ILE A 446 -16.88 -1.33 18.77
N GLY A 447 -17.37 -2.50 18.40
CA GLY A 447 -17.76 -2.75 17.01
C GLY A 447 -18.99 -3.64 16.92
N ARG A 448 -20.01 -3.31 17.71
CA ARG A 448 -21.25 -4.09 17.72
C ARG A 448 -22.45 -3.22 17.38
N GLY A 449 -23.46 -3.83 16.78
CA GLY A 449 -24.67 -3.11 16.40
C GLY A 449 -25.54 -2.82 17.60
N ARG A 450 -26.64 -2.09 17.37
CA ARG A 450 -27.55 -1.73 18.46
C ARG A 450 -28.74 -2.70 18.52
N GLN A 451 -29.22 -2.92 19.74
CA GLN A 451 -30.35 -3.82 19.99
C GLN A 451 -31.66 -3.11 19.74
N ILE A 452 -32.61 -3.82 19.14
CA ILE A 452 -33.92 -3.27 18.84
C ILE A 452 -34.99 -4.26 19.22
N ASN A 453 -35.79 -3.94 20.23
CA ASN A 453 -36.84 -4.87 20.60
C ASN A 453 -38.05 -4.71 19.68
N LYS A 454 -39.06 -5.53 19.89
CA LYS A 454 -40.29 -5.48 19.10
C LYS A 454 -41.41 -6.15 19.86
N ASP A 455 -42.35 -5.35 20.37
CA ASP A 455 -43.46 -5.88 21.14
C ASP A 455 -44.25 -6.89 20.31
N GLU A 456 -44.76 -7.93 20.98
CA GLU A 456 -45.53 -8.99 20.34
C GLU A 456 -44.91 -9.49 19.04
N SER B 11 -25.05 66.61 -10.64
CA SER B 11 -24.95 67.59 -11.77
C SER B 11 -24.76 66.97 -13.19
N ASN B 12 -24.01 65.87 -13.32
CA ASN B 12 -23.86 65.22 -14.64
C ASN B 12 -24.45 63.82 -14.57
N PHE B 13 -25.27 63.46 -15.55
CA PHE B 13 -25.89 62.13 -15.59
C PHE B 13 -25.56 61.49 -16.95
N ALA B 14 -25.60 60.16 -17.00
CA ALA B 14 -25.30 59.47 -18.26
C ALA B 14 -26.25 58.32 -18.55
N ILE B 15 -26.73 58.27 -19.79
CA ILE B 15 -27.61 57.18 -20.20
C ILE B 15 -26.94 56.43 -21.36
N ILE B 16 -26.63 55.16 -21.17
CA ILE B 16 -26.01 54.36 -22.23
C ILE B 16 -27.01 53.42 -22.92
N LEU B 17 -27.27 53.66 -24.21
CA LEU B 17 -28.22 52.81 -24.95
C LEU B 17 -27.51 51.54 -25.43
N ALA B 18 -27.92 50.38 -24.92
CA ALA B 18 -27.30 49.09 -25.24
C ALA B 18 -28.32 47.96 -25.38
N ALA B 19 -29.43 48.27 -26.06
CA ALA B 19 -30.55 47.35 -26.27
C ALA B 19 -30.34 46.35 -27.40
N GLY B 20 -30.12 45.09 -27.02
CA GLY B 20 -29.88 43.98 -27.93
C GLY B 20 -29.83 44.14 -29.45
N LYS B 21 -30.33 43.10 -30.15
CA LYS B 21 -30.36 43.08 -31.61
C LYS B 21 -28.96 43.21 -32.23
N GLY B 22 -28.92 43.75 -33.45
CA GLY B 22 -27.66 43.90 -34.15
C GLY B 22 -27.67 42.88 -35.26
N THR B 23 -28.79 42.80 -35.99
CA THR B 23 -28.96 41.84 -37.08
C THR B 23 -27.88 41.81 -38.16
N ARG B 24 -27.28 42.96 -38.46
CA ARG B 24 -26.22 42.98 -39.45
C ARG B 24 -24.97 42.29 -38.90
N MET B 25 -24.89 42.14 -37.57
CA MET B 25 -23.76 41.46 -36.96
C MET B 25 -23.78 39.94 -37.21
N LYS B 26 -24.98 39.38 -37.41
CA LYS B 26 -25.11 37.94 -37.64
C LYS B 26 -24.50 37.19 -36.46
N SER B 27 -24.90 37.59 -35.26
CA SER B 27 -24.37 37.03 -34.03
C SER B 27 -25.49 36.76 -33.01
N ASP B 28 -25.28 35.81 -32.12
CA ASP B 28 -26.27 35.57 -31.09
C ASP B 28 -25.91 36.35 -29.83
N LEU B 29 -24.73 36.97 -29.84
CA LEU B 29 -24.26 37.77 -28.72
C LEU B 29 -24.80 39.20 -28.84
N PRO B 30 -25.23 39.81 -27.72
CA PRO B 30 -25.73 41.19 -27.80
C PRO B 30 -24.62 42.02 -28.45
N LYS B 31 -24.98 42.82 -29.45
CA LYS B 31 -24.00 43.64 -30.18
C LYS B 31 -22.87 44.29 -29.38
N VAL B 32 -23.21 45.03 -28.33
CA VAL B 32 -22.24 45.75 -27.50
C VAL B 32 -21.24 44.90 -26.75
N LEU B 33 -21.44 43.58 -26.73
CA LEU B 33 -20.52 42.67 -26.04
C LEU B 33 -19.37 42.21 -26.93
N HIS B 34 -19.41 42.52 -28.23
CA HIS B 34 -18.32 42.15 -29.14
C HIS B 34 -17.10 42.94 -28.71
N LYS B 35 -15.94 42.28 -28.67
CA LYS B 35 -14.73 42.93 -28.21
C LYS B 35 -13.97 43.81 -29.21
N VAL B 36 -13.21 44.75 -28.67
CA VAL B 36 -12.33 45.61 -29.45
C VAL B 36 -11.14 45.81 -28.54
N ALA B 37 -9.98 45.33 -28.99
CA ALA B 37 -8.74 45.39 -28.24
C ALA B 37 -8.84 44.86 -26.83
N GLY B 38 -9.52 43.74 -26.66
CA GLY B 38 -9.59 43.12 -25.35
C GLY B 38 -10.84 43.24 -24.49
N ILE B 39 -11.64 44.29 -24.65
CA ILE B 39 -12.87 44.50 -23.84
C ILE B 39 -14.03 44.84 -24.78
N SER B 40 -15.26 44.57 -24.33
CA SER B 40 -16.45 44.85 -25.12
C SER B 40 -16.58 46.34 -25.49
N MET B 41 -17.34 46.62 -26.55
CA MET B 41 -17.55 48.00 -26.95
C MET B 41 -18.21 48.77 -25.79
N LEU B 42 -19.10 48.10 -25.08
CA LEU B 42 -19.81 48.69 -23.98
C LEU B 42 -18.84 49.20 -22.91
N GLU B 43 -17.80 48.43 -22.60
CA GLU B 43 -16.82 48.85 -21.58
C GLU B 43 -15.98 50.04 -22.09
N HIS B 44 -15.71 50.13 -23.38
CA HIS B 44 -14.96 51.27 -23.87
C HIS B 44 -15.83 52.53 -23.63
N VAL B 45 -17.14 52.41 -23.88
CA VAL B 45 -18.07 53.51 -23.67
C VAL B 45 -18.17 53.89 -22.18
N PHE B 46 -18.17 52.92 -21.27
CA PHE B 46 -18.20 53.22 -19.82
C PHE B 46 -16.94 54.00 -19.43
N ARG B 47 -15.81 53.63 -20.01
CA ARG B 47 -14.59 54.31 -19.68
C ARG B 47 -14.54 55.76 -20.17
N SER B 48 -15.15 56.03 -21.30
CA SER B 48 -15.18 57.39 -21.81
C SER B 48 -16.16 58.20 -20.98
N VAL B 49 -17.26 57.55 -20.60
CA VAL B 49 -18.31 58.18 -19.84
C VAL B 49 -17.79 58.59 -18.46
N GLY B 50 -16.96 57.75 -17.86
CA GLY B 50 -16.41 58.10 -16.56
C GLY B 50 -15.78 59.47 -16.58
N ALA B 51 -15.20 59.86 -17.72
CA ALA B 51 -14.53 61.16 -17.81
C ALA B 51 -15.39 62.37 -17.47
N ILE B 52 -16.71 62.22 -17.54
CA ILE B 52 -17.60 63.34 -17.19
C ILE B 52 -17.98 63.22 -15.73
N GLN B 53 -17.52 62.15 -15.09
CA GLN B 53 -17.80 61.93 -13.68
C GLN B 53 -19.29 62.05 -13.40
N PRO B 54 -20.10 61.21 -14.05
CA PRO B 54 -21.56 61.26 -13.86
C PRO B 54 -22.02 60.79 -12.49
N GLU B 55 -22.84 61.61 -11.82
CA GLU B 55 -23.38 61.27 -10.50
C GLU B 55 -24.11 59.94 -10.58
N LYS B 56 -24.80 59.72 -11.69
CA LYS B 56 -25.52 58.47 -11.92
C LYS B 56 -25.36 58.02 -13.38
N THR B 57 -25.33 56.70 -13.59
CA THR B 57 -25.20 56.12 -14.92
C THR B 57 -26.23 55.01 -15.08
N VAL B 58 -26.97 55.02 -16.19
CA VAL B 58 -27.98 54.00 -16.43
C VAL B 58 -27.84 53.40 -17.83
N THR B 59 -27.74 52.08 -17.90
CA THR B 59 -27.59 51.37 -19.17
C THR B 59 -28.89 50.66 -19.52
N VAL B 60 -29.46 50.99 -20.67
CA VAL B 60 -30.67 50.34 -21.08
C VAL B 60 -30.25 49.11 -21.90
N VAL B 61 -30.65 47.94 -21.42
CA VAL B 61 -30.35 46.67 -22.08
C VAL B 61 -31.64 46.09 -22.64
N GLY B 62 -31.53 44.96 -23.32
CA GLY B 62 -32.72 44.34 -23.88
C GLY B 62 -32.59 42.83 -23.96
N HIS B 63 -32.36 42.35 -25.17
CA HIS B 63 -32.22 40.92 -25.44
C HIS B 63 -30.95 40.40 -24.74
N LYS B 64 -31.06 39.25 -24.09
CA LYS B 64 -29.94 38.66 -23.38
C LYS B 64 -29.48 39.64 -22.31
N ALA B 65 -30.43 40.42 -21.81
CA ALA B 65 -30.17 41.43 -20.80
C ALA B 65 -29.22 40.98 -19.69
N GLU B 66 -29.53 39.86 -19.04
CA GLU B 66 -28.69 39.37 -17.96
C GLU B 66 -27.26 39.14 -18.39
N LEU B 67 -27.09 38.64 -19.61
CA LEU B 67 -25.78 38.36 -20.17
C LEU B 67 -24.92 39.60 -20.10
N VAL B 68 -25.46 40.74 -20.54
CA VAL B 68 -24.71 41.98 -20.53
C VAL B 68 -24.40 42.36 -19.09
N GLU B 69 -25.27 41.94 -18.18
CA GLU B 69 -25.10 42.23 -16.75
C GLU B 69 -24.19 41.16 -16.10
N GLU B 70 -24.25 39.94 -16.60
CA GLU B 70 -23.48 38.81 -16.07
C GLU B 70 -21.97 38.96 -16.19
N VAL B 71 -21.51 40.16 -16.53
CA VAL B 71 -20.08 40.41 -16.63
C VAL B 71 -19.80 41.85 -16.23
N LEU B 72 -19.97 42.76 -17.17
CA LEU B 72 -19.71 44.18 -16.92
C LEU B 72 -20.80 44.86 -16.09
N ALA B 73 -21.04 44.32 -14.90
CA ALA B 73 -22.06 44.84 -13.99
C ALA B 73 -21.47 45.79 -12.94
N GLY B 74 -21.99 45.69 -11.72
CA GLY B 74 -21.51 46.50 -10.62
C GLY B 74 -21.66 48.01 -10.72
N GLN B 75 -20.66 48.68 -11.28
CA GLN B 75 -20.69 50.13 -11.39
C GLN B 75 -21.60 50.71 -12.47
N THR B 76 -22.91 50.59 -12.25
CA THR B 76 -23.92 51.11 -13.17
C THR B 76 -25.29 50.48 -12.92
N GLU B 77 -26.33 51.29 -13.12
CA GLU B 77 -27.69 50.81 -12.93
C GLU B 77 -28.23 50.32 -14.27
N PHE B 78 -28.89 49.17 -14.26
CA PHE B 78 -29.45 48.59 -15.48
C PHE B 78 -30.97 48.69 -15.52
N VAL B 79 -31.52 48.76 -16.72
CA VAL B 79 -32.96 48.80 -16.92
C VAL B 79 -33.25 48.02 -18.20
N THR B 80 -34.25 47.16 -18.14
CA THR B 80 -34.61 46.33 -19.27
C THR B 80 -35.81 46.81 -20.07
N GLN B 81 -35.72 46.64 -21.38
CA GLN B 81 -36.83 46.99 -22.24
C GLN B 81 -37.19 45.73 -23.02
N SER B 82 -38.34 45.17 -22.68
CA SER B 82 -38.84 43.96 -23.31
C SER B 82 -39.45 44.24 -24.69
N GLU B 83 -39.66 45.51 -24.99
CA GLU B 83 -40.24 45.91 -26.25
C GLU B 83 -39.38 46.99 -26.90
N GLN B 84 -39.05 46.82 -28.17
CA GLN B 84 -38.22 47.79 -28.87
C GLN B 84 -39.05 48.79 -29.67
N LEU B 85 -39.23 49.97 -29.09
CA LEU B 85 -39.98 51.05 -29.72
C LEU B 85 -39.13 52.27 -29.97
N GLY B 86 -37.85 52.07 -30.26
CA GLY B 86 -36.95 53.19 -30.54
C GLY B 86 -36.16 53.78 -29.38
N THR B 87 -35.23 54.66 -29.74
CA THR B 87 -34.36 55.34 -28.80
C THR B 87 -35.09 56.23 -27.80
N GLY B 88 -36.24 56.79 -28.22
CA GLY B 88 -37.03 57.63 -27.32
C GLY B 88 -37.57 56.77 -26.18
N HIS B 89 -38.13 55.63 -26.56
CA HIS B 89 -38.68 54.67 -25.61
C HIS B 89 -37.55 54.17 -24.69
N ALA B 90 -36.42 53.81 -25.28
CA ALA B 90 -35.29 53.30 -24.50
C ALA B 90 -34.88 54.26 -23.38
N VAL B 91 -34.75 55.55 -23.70
CA VAL B 91 -34.37 56.56 -22.70
C VAL B 91 -35.55 56.79 -21.76
N MET B 92 -36.75 56.51 -22.24
CA MET B 92 -37.92 56.67 -21.39
C MET B 92 -37.89 55.62 -20.29
N MET B 93 -37.20 54.51 -20.52
CA MET B 93 -37.10 53.45 -19.52
C MET B 93 -36.22 53.84 -18.33
N THR B 94 -35.45 54.93 -18.47
CA THR B 94 -34.60 55.39 -17.38
C THR B 94 -35.32 56.47 -16.55
N GLU B 95 -36.57 56.75 -16.93
CA GLU B 95 -37.41 57.75 -16.24
C GLU B 95 -37.49 57.48 -14.73
N PRO B 96 -37.84 56.25 -14.35
CA PRO B 96 -37.94 55.90 -12.92
C PRO B 96 -36.77 56.36 -12.06
N ILE B 97 -35.62 56.59 -12.67
CA ILE B 97 -34.41 56.96 -11.95
C ILE B 97 -33.88 58.37 -12.16
N LEU B 98 -34.14 58.97 -13.32
CA LEU B 98 -33.64 60.30 -13.57
C LEU B 98 -34.69 61.41 -13.57
N GLU B 99 -35.95 61.02 -13.44
CA GLU B 99 -37.10 61.95 -13.41
C GLU B 99 -36.96 62.98 -12.28
N GLY B 100 -36.99 64.25 -12.64
CA GLY B 100 -36.90 65.29 -11.61
C GLY B 100 -35.55 65.90 -11.30
N LEU B 101 -34.50 65.09 -11.27
CA LEU B 101 -33.16 65.59 -10.99
C LEU B 101 -32.77 66.71 -11.94
N SER B 102 -31.96 67.63 -11.44
CA SER B 102 -31.51 68.75 -12.27
C SER B 102 -30.05 68.51 -12.67
N GLY B 103 -29.62 69.13 -13.77
CA GLY B 103 -28.25 68.99 -14.22
C GLY B 103 -28.06 68.79 -15.72
N HIS B 104 -27.18 67.86 -16.08
CA HIS B 104 -26.92 67.58 -17.48
C HIS B 104 -26.85 66.08 -17.71
N THR B 105 -27.55 65.62 -18.75
CA THR B 105 -27.62 64.21 -19.07
C THR B 105 -27.07 63.89 -20.43
N LEU B 106 -26.08 63.00 -20.43
CA LEU B 106 -25.45 62.55 -21.68
C LEU B 106 -26.17 61.28 -22.09
N VAL B 107 -26.61 61.24 -23.34
CA VAL B 107 -27.28 60.06 -23.86
C VAL B 107 -26.32 59.52 -24.94
N ILE B 108 -25.83 58.29 -24.76
CA ILE B 108 -24.86 57.72 -25.70
C ILE B 108 -25.09 56.22 -25.98
N ALA B 109 -24.82 55.78 -27.21
CA ALA B 109 -24.99 54.37 -27.62
C ALA B 109 -23.80 53.50 -27.22
N GLY B 110 -24.07 52.26 -26.85
CA GLY B 110 -23.00 51.38 -26.43
C GLY B 110 -22.23 50.84 -27.62
N ASP B 111 -22.53 51.33 -28.82
CA ASP B 111 -21.84 50.87 -30.00
C ASP B 111 -20.96 51.93 -30.65
N THR B 112 -20.60 52.96 -29.89
CA THR B 112 -19.71 53.99 -30.41
C THR B 112 -18.52 53.97 -29.44
N PRO B 113 -17.69 52.90 -29.54
CA PRO B 113 -16.52 52.74 -28.67
C PRO B 113 -15.31 53.62 -28.95
N LEU B 114 -15.34 54.41 -30.01
CA LEU B 114 -14.15 55.21 -30.28
C LEU B 114 -14.21 56.60 -29.68
N ILE B 115 -15.39 57.03 -29.25
CA ILE B 115 -15.48 58.35 -28.67
C ILE B 115 -14.65 58.36 -27.39
N THR B 116 -13.85 59.41 -27.23
CA THR B 116 -12.99 59.52 -26.05
C THR B 116 -13.61 60.37 -24.91
N GLY B 117 -13.05 60.22 -23.71
CA GLY B 117 -13.51 60.98 -22.57
C GLY B 117 -13.25 62.45 -22.81
N GLU B 118 -12.14 62.75 -23.46
CA GLU B 118 -11.81 64.12 -23.75
C GLU B 118 -12.89 64.76 -24.61
N SER B 119 -13.44 64.03 -25.56
CA SER B 119 -14.49 64.60 -26.40
C SER B 119 -15.80 64.74 -25.64
N LEU B 120 -16.11 63.79 -24.77
CA LEU B 120 -17.35 63.89 -24.01
C LEU B 120 -17.23 65.19 -23.21
N LYS B 121 -16.14 65.33 -22.47
CA LYS B 121 -15.90 66.56 -21.70
C LYS B 121 -16.03 67.82 -22.55
N ASN B 122 -15.40 67.86 -23.71
CA ASN B 122 -15.55 69.06 -24.53
C ASN B 122 -17.02 69.24 -24.89
N LEU B 123 -17.74 68.13 -24.98
CA LEU B 123 -19.16 68.18 -25.34
C LEU B 123 -19.94 68.89 -24.23
N ILE B 124 -19.72 68.50 -22.98
CA ILE B 124 -20.43 69.16 -21.89
C ILE B 124 -20.04 70.64 -21.79
N ASP B 125 -18.74 70.91 -21.67
CA ASP B 125 -18.26 72.28 -21.59
C ASP B 125 -19.02 73.13 -22.59
N PHE B 126 -19.01 72.71 -23.84
CA PHE B 126 -19.72 73.45 -24.88
C PHE B 126 -21.18 73.65 -24.48
N HIS B 127 -21.82 72.57 -24.02
CA HIS B 127 -23.21 72.60 -23.61
C HIS B 127 -23.48 73.73 -22.61
N ILE B 128 -22.72 73.74 -21.53
CA ILE B 128 -22.86 74.76 -20.51
C ILE B 128 -22.45 76.15 -21.00
N ASN B 129 -21.32 76.25 -21.69
CA ASN B 129 -20.82 77.51 -22.24
C ASN B 129 -21.83 78.22 -23.17
N HIS B 130 -22.93 77.56 -23.49
CA HIS B 130 -23.93 78.16 -24.37
C HIS B 130 -25.33 78.05 -23.76
N LYS B 131 -25.38 77.57 -22.52
CA LYS B 131 -26.65 77.41 -21.83
C LYS B 131 -27.70 76.66 -22.63
N ASN B 132 -27.28 75.95 -23.68
CA ASN B 132 -28.23 75.19 -24.51
C ASN B 132 -29.15 74.31 -23.66
N VAL B 133 -30.24 73.87 -24.26
CA VAL B 133 -31.18 73.00 -23.59
C VAL B 133 -30.78 71.59 -24.00
N ALA B 134 -30.24 71.50 -25.22
CA ALA B 134 -29.78 70.26 -25.81
C ALA B 134 -28.66 70.57 -26.81
N THR B 135 -27.63 69.73 -26.80
CA THR B 135 -26.50 69.87 -27.71
C THR B 135 -26.26 68.52 -28.39
N ILE B 136 -26.20 68.56 -29.71
CA ILE B 136 -25.99 67.39 -30.55
C ILE B 136 -24.49 67.21 -30.86
N LEU B 137 -23.92 66.06 -30.52
CA LEU B 137 -22.52 65.83 -30.85
C LEU B 137 -22.52 65.55 -32.35
N THR B 138 -21.86 66.41 -33.11
CA THR B 138 -21.80 66.26 -34.54
C THR B 138 -20.37 66.09 -35.08
N ALA B 139 -20.26 65.90 -36.40
CA ALA B 139 -18.97 65.73 -37.06
C ALA B 139 -19.19 65.99 -38.53
N GLU B 140 -18.11 66.29 -39.26
CA GLU B 140 -18.23 66.53 -40.69
C GLU B 140 -17.57 65.44 -41.55
N THR B 141 -18.26 65.04 -42.59
CA THR B 141 -17.78 64.02 -43.52
C THR B 141 -18.11 64.47 -44.94
N ASP B 142 -17.32 64.05 -45.92
CA ASP B 142 -17.58 64.45 -47.30
C ASP B 142 -18.57 63.49 -47.97
N ASN B 143 -18.93 62.43 -47.24
CA ASN B 143 -19.88 61.43 -47.73
C ASN B 143 -20.95 61.22 -46.66
N PRO B 144 -21.78 62.24 -46.42
CA PRO B 144 -22.84 62.19 -45.41
C PRO B 144 -24.09 61.42 -45.80
N PHE B 145 -24.04 60.69 -46.90
CA PHE B 145 -25.21 59.93 -47.31
C PHE B 145 -25.68 59.01 -46.20
N GLY B 146 -26.98 59.08 -45.88
CA GLY B 146 -27.54 58.23 -44.86
C GLY B 146 -27.72 58.92 -43.50
N TYR B 147 -26.69 59.62 -43.07
CA TYR B 147 -26.72 60.30 -41.78
C TYR B 147 -27.75 61.42 -41.73
N GLY B 148 -28.14 61.79 -40.51
CA GLY B 148 -29.08 62.88 -40.34
C GLY B 148 -28.27 64.15 -40.52
N ARG B 149 -28.81 65.10 -41.28
CA ARG B 149 -28.12 66.37 -41.53
C ARG B 149 -28.42 67.41 -40.45
N ILE B 150 -27.43 68.28 -40.19
CA ILE B 150 -27.57 69.34 -39.20
C ILE B 150 -27.79 70.68 -39.92
N VAL B 151 -28.95 71.28 -39.69
CA VAL B 151 -29.30 72.56 -40.32
C VAL B 151 -29.13 73.69 -39.33
N VAL B 158 -28.29 76.11 -34.59
CA VAL B 158 -28.88 74.82 -34.94
C VAL B 158 -30.39 74.88 -34.98
N LEU B 159 -30.97 74.39 -36.07
CA LEU B 159 -32.42 74.40 -36.23
C LEU B 159 -33.07 73.03 -36.12
N ARG B 160 -32.62 72.08 -36.94
CA ARG B 160 -33.22 70.75 -36.94
C ARG B 160 -32.35 69.66 -37.59
N ILE B 161 -32.57 68.42 -37.16
CA ILE B 161 -31.83 67.26 -37.69
C ILE B 161 -32.63 66.62 -38.80
N VAL B 162 -32.36 67.02 -40.04
CA VAL B 162 -33.08 66.48 -41.19
C VAL B 162 -32.55 65.10 -41.58
N GLU B 163 -33.45 64.14 -41.70
CA GLU B 163 -33.07 62.80 -42.08
C GLU B 163 -32.79 62.69 -43.57
N GLN B 164 -32.16 61.60 -43.99
CA GLN B 164 -31.82 61.38 -45.39
C GLN B 164 -33.03 61.41 -46.31
N LYS B 165 -34.11 60.73 -45.91
CA LYS B 165 -35.33 60.70 -46.71
C LYS B 165 -36.07 62.04 -46.69
N ASP B 166 -36.30 62.58 -45.50
CA ASP B 166 -37.00 63.85 -45.35
C ASP B 166 -36.12 65.03 -45.74
N ALA B 167 -35.02 64.77 -46.42
CA ALA B 167 -34.10 65.83 -46.83
C ALA B 167 -34.40 66.37 -48.21
N THR B 168 -34.27 67.68 -48.35
CA THR B 168 -34.52 68.41 -49.59
C THR B 168 -33.29 68.34 -50.51
N ASP B 169 -33.52 68.34 -51.81
CA ASP B 169 -32.40 68.28 -52.77
C ASP B 169 -31.25 69.17 -52.34
N PHE B 170 -31.57 70.17 -51.50
CA PHE B 170 -30.56 71.10 -50.99
C PHE B 170 -29.93 70.56 -49.74
N GLU B 171 -30.75 70.26 -48.74
CA GLU B 171 -30.29 69.75 -47.46
C GLU B 171 -29.36 68.53 -47.56
N LYS B 172 -29.55 67.68 -48.56
CA LYS B 172 -28.71 66.50 -48.74
C LYS B 172 -27.28 66.88 -49.07
N GLN B 173 -26.91 68.13 -48.80
CA GLN B 173 -25.56 68.61 -49.08
C GLN B 173 -24.82 68.98 -47.81
N ILE B 174 -25.55 69.06 -46.69
CA ILE B 174 -24.93 69.41 -45.42
C ILE B 174 -23.87 68.37 -45.06
N LYS B 175 -22.64 68.84 -44.89
CA LYS B 175 -21.47 68.03 -44.56
C LYS B 175 -21.48 67.58 -43.11
N GLU B 176 -22.03 68.42 -42.24
CA GLU B 176 -22.10 68.12 -40.81
C GLU B 176 -23.23 67.12 -40.52
N ILE B 177 -22.89 66.03 -39.83
CA ILE B 177 -23.86 65.01 -39.50
C ILE B 177 -24.02 64.77 -38.00
N ASN B 178 -25.13 64.13 -37.64
CA ASN B 178 -25.50 63.79 -36.28
C ASN B 178 -24.84 62.47 -35.85
N THR B 179 -24.07 62.47 -34.77
CA THR B 179 -23.45 61.23 -34.32
C THR B 179 -24.36 60.38 -33.45
N GLY B 180 -25.49 60.93 -33.00
CA GLY B 180 -26.40 60.16 -32.16
C GLY B 180 -25.99 60.20 -30.70
N THR B 181 -25.10 61.14 -30.35
CA THR B 181 -24.67 61.31 -28.95
C THR B 181 -25.22 62.66 -28.52
N TYR B 182 -25.92 62.72 -27.38
CA TYR B 182 -26.47 64.02 -26.98
C TYR B 182 -26.33 64.38 -25.52
N VAL B 183 -26.55 65.66 -25.27
CA VAL B 183 -26.56 66.22 -23.92
C VAL B 183 -27.83 67.07 -23.84
N PHE B 184 -28.68 66.76 -22.86
CA PHE B 184 -29.95 67.44 -22.63
C PHE B 184 -29.98 67.96 -21.21
N ASP B 185 -30.84 68.93 -20.94
CA ASP B 185 -31.02 69.41 -19.56
C ASP B 185 -31.95 68.32 -19.04
N ASN B 186 -31.57 67.64 -17.97
CA ASN B 186 -32.39 66.53 -17.48
C ASN B 186 -33.88 66.80 -17.31
N GLU B 187 -34.25 67.94 -16.73
CA GLU B 187 -35.66 68.26 -16.48
C GLU B 187 -36.51 68.32 -17.76
N ARG B 188 -36.05 69.06 -18.77
CA ARG B 188 -36.79 69.18 -20.01
C ARG B 188 -36.78 67.93 -20.88
N LEU B 189 -35.72 67.13 -20.77
CA LEU B 189 -35.60 65.90 -21.56
C LEU B 189 -36.77 64.95 -21.30
N PHE B 190 -37.03 64.62 -20.04
CA PHE B 190 -38.13 63.72 -19.73
C PHE B 190 -39.49 64.37 -19.99
N GLU B 191 -39.55 65.69 -19.97
CA GLU B 191 -40.81 66.34 -20.25
C GLU B 191 -41.17 66.10 -21.70
N ALA B 192 -40.31 66.53 -22.60
CA ALA B 192 -40.55 66.37 -24.04
C ALA B 192 -40.91 64.93 -24.40
N LEU B 193 -40.19 63.96 -23.83
CA LEU B 193 -40.45 62.53 -24.11
C LEU B 193 -41.83 62.12 -23.61
N LYS B 194 -42.16 62.53 -22.40
CA LYS B 194 -43.44 62.21 -21.82
C LYS B 194 -44.53 62.74 -22.75
N ASN B 195 -44.31 63.95 -23.26
CA ASN B 195 -45.24 64.61 -24.17
C ASN B 195 -45.38 63.87 -25.50
N ILE B 196 -44.28 63.81 -26.25
CA ILE B 196 -44.28 63.13 -27.54
C ILE B 196 -44.99 61.77 -27.49
N ASN B 197 -44.59 60.93 -26.53
CA ASN B 197 -45.17 59.60 -26.40
C ASN B 197 -46.69 59.51 -26.39
N THR B 198 -47.36 60.48 -25.77
CA THR B 198 -48.82 60.47 -25.69
C THR B 198 -49.50 61.05 -26.93
N ASN B 199 -48.93 62.11 -27.47
CA ASN B 199 -49.51 62.76 -28.64
C ASN B 199 -48.71 62.40 -29.88
N ASN B 200 -48.12 61.21 -29.86
CA ASN B 200 -47.28 60.71 -30.94
C ASN B 200 -48.08 60.13 -32.11
N ALA B 201 -49.23 59.55 -31.80
CA ALA B 201 -50.10 58.94 -32.81
C ALA B 201 -49.37 57.79 -33.51
N GLN B 202 -48.28 57.34 -32.89
CA GLN B 202 -47.46 56.25 -33.41
C GLN B 202 -46.95 55.45 -32.21
N GLY B 203 -46.41 54.27 -32.47
CA GLY B 203 -45.90 53.46 -31.39
C GLY B 203 -44.51 53.88 -30.96
N GLU B 204 -43.56 53.76 -31.89
CA GLU B 204 -42.17 54.11 -31.62
C GLU B 204 -41.82 55.57 -31.80
N TYR B 205 -40.97 56.06 -30.91
CA TYR B 205 -40.53 57.45 -30.96
C TYR B 205 -39.02 57.54 -30.76
N TYR B 206 -38.39 58.39 -31.56
CA TYR B 206 -36.95 58.56 -31.53
C TYR B 206 -36.49 59.74 -30.71
N ILE B 207 -35.33 59.58 -30.09
CA ILE B 207 -34.75 60.62 -29.27
C ILE B 207 -34.54 61.92 -30.07
N THR B 208 -34.38 61.81 -31.38
CA THR B 208 -34.21 63.00 -32.20
C THR B 208 -35.52 63.80 -32.31
N ASP B 209 -36.61 63.22 -31.80
CA ASP B 209 -37.90 63.91 -31.84
C ASP B 209 -37.88 65.03 -30.81
N VAL B 210 -37.18 64.80 -29.71
CA VAL B 210 -37.07 65.79 -28.64
C VAL B 210 -36.41 67.05 -29.19
N ILE B 211 -35.52 66.87 -30.16
CA ILE B 211 -34.83 67.98 -30.78
C ILE B 211 -35.90 68.75 -31.57
N GLY B 212 -36.93 68.01 -32.01
CA GLY B 212 -38.01 68.64 -32.74
C GLY B 212 -38.88 69.48 -31.82
N ILE B 213 -39.13 68.98 -30.62
CA ILE B 213 -39.93 69.70 -29.63
C ILE B 213 -39.27 71.01 -29.21
N PHE B 214 -37.97 71.00 -28.95
CA PHE B 214 -37.25 72.21 -28.53
C PHE B 214 -37.22 73.25 -29.64
N ARG B 215 -37.48 72.78 -30.86
CA ARG B 215 -37.51 73.66 -32.02
C ARG B 215 -38.86 74.40 -31.97
N GLU B 216 -39.93 73.66 -31.69
CA GLU B 216 -41.28 74.23 -31.59
C GLU B 216 -41.31 75.30 -30.50
N THR B 217 -40.87 74.90 -29.30
CA THR B 217 -40.83 75.76 -28.13
C THR B 217 -39.77 76.86 -28.21
N GLY B 218 -39.01 76.86 -29.28
CA GLY B 218 -37.99 77.88 -29.43
C GLY B 218 -36.84 77.78 -28.45
N GLU B 219 -36.66 76.62 -27.82
CA GLU B 219 -35.56 76.45 -26.87
C GLU B 219 -34.19 76.34 -27.60
N LYS B 220 -33.11 76.65 -26.87
CA LYS B 220 -31.75 76.67 -27.42
C LYS B 220 -31.13 75.28 -27.66
N VAL B 221 -30.72 75.04 -28.90
CA VAL B 221 -30.14 73.76 -29.29
C VAL B 221 -28.76 73.91 -29.94
N GLY B 222 -27.71 73.55 -29.22
CA GLY B 222 -26.38 73.69 -29.76
C GLY B 222 -25.83 72.41 -30.40
N ALA B 223 -24.63 72.50 -30.96
CA ALA B 223 -24.00 71.34 -31.58
C ALA B 223 -22.49 71.43 -31.46
N TYR B 224 -21.89 70.43 -30.87
CA TYR B 224 -20.45 70.40 -30.73
C TYR B 224 -19.91 69.57 -31.88
N THR B 225 -18.93 70.11 -32.60
CA THR B 225 -18.38 69.38 -33.71
C THR B 225 -17.06 68.70 -33.36
N LEU B 226 -17.00 67.38 -33.56
CA LEU B 226 -15.79 66.62 -33.28
C LEU B 226 -14.74 66.97 -34.32
N LYS B 227 -13.47 66.97 -33.89
CA LYS B 227 -12.37 67.26 -34.81
C LYS B 227 -12.12 66.05 -35.73
N ASP B 228 -12.17 64.84 -35.15
CA ASP B 228 -11.97 63.62 -35.94
C ASP B 228 -13.30 62.90 -36.18
N PHE B 229 -13.71 62.81 -37.44
CA PHE B 229 -14.95 62.14 -37.81
C PHE B 229 -14.99 60.64 -37.52
N ASP B 230 -13.83 60.00 -37.60
CA ASP B 230 -13.72 58.56 -37.39
C ASP B 230 -14.01 58.14 -35.96
N GLU B 231 -13.86 59.08 -35.02
CA GLU B 231 -14.14 58.80 -33.61
C GLU B 231 -15.65 58.61 -33.38
N SER B 232 -16.48 59.02 -34.34
CA SER B 232 -17.93 58.91 -34.21
C SER B 232 -18.52 57.58 -34.65
N LEU B 233 -17.68 56.73 -35.23
CA LEU B 233 -18.08 55.44 -35.75
C LEU B 233 -19.05 54.65 -34.89
N GLY B 234 -20.18 54.28 -35.49
CA GLY B 234 -21.15 53.45 -34.79
C GLY B 234 -20.97 52.07 -35.41
N VAL B 235 -20.80 51.02 -34.60
CA VAL B 235 -20.61 49.68 -35.12
C VAL B 235 -21.91 48.93 -35.28
N ASN B 236 -22.27 48.64 -36.53
CA ASN B 236 -23.47 47.92 -36.89
C ASN B 236 -23.18 46.58 -37.50
N ASP B 237 -22.00 46.41 -38.09
CA ASP B 237 -21.67 45.10 -38.66
C ASP B 237 -20.20 44.77 -38.40
N ARG B 238 -19.73 43.61 -38.87
CA ARG B 238 -18.37 43.25 -38.62
C ARG B 238 -17.35 44.05 -39.42
N VAL B 239 -17.78 44.71 -40.48
CA VAL B 239 -16.87 45.59 -41.23
C VAL B 239 -16.53 46.79 -40.30
N ALA B 240 -17.53 47.41 -39.67
CA ALA B 240 -17.25 48.55 -38.79
C ALA B 240 -16.53 48.09 -37.53
N LEU B 241 -16.80 46.87 -37.10
CA LEU B 241 -16.11 46.35 -35.93
C LEU B 241 -14.58 46.33 -36.19
N ALA B 242 -14.17 45.88 -37.39
CA ALA B 242 -12.76 45.78 -37.74
C ALA B 242 -12.20 47.19 -37.85
N THR B 243 -12.98 48.11 -38.43
CA THR B 243 -12.53 49.49 -38.49
C THR B 243 -12.27 50.02 -37.05
N ALA B 244 -13.11 49.60 -36.10
CA ALA B 244 -12.93 50.06 -34.71
C ALA B 244 -11.65 49.47 -34.11
N GLU B 245 -11.38 48.19 -34.38
CA GLU B 245 -10.17 47.57 -33.87
C GLU B 245 -8.95 48.30 -34.52
N SER B 246 -9.07 48.70 -35.76
CA SER B 246 -7.97 49.38 -36.43
C SER B 246 -7.62 50.74 -35.78
N VAL B 247 -8.63 51.54 -35.48
CA VAL B 247 -8.45 52.82 -34.84
C VAL B 247 -7.93 52.65 -33.41
N MET B 248 -8.53 51.73 -32.66
CA MET B 248 -8.13 51.46 -31.30
C MET B 248 -6.68 50.94 -31.24
N ARG B 249 -6.33 50.04 -32.17
CA ARG B 249 -4.98 49.51 -32.24
C ARG B 249 -3.96 50.63 -32.47
N ARG B 250 -4.27 51.56 -33.36
CA ARG B 250 -3.38 52.69 -33.63
C ARG B 250 -3.25 53.62 -32.42
N ARG B 251 -4.38 53.82 -31.73
CA ARG B 251 -4.40 54.68 -30.56
C ARG B 251 -3.50 54.08 -29.47
N ILE B 252 -3.72 52.81 -29.15
CA ILE B 252 -2.94 52.14 -28.13
C ILE B 252 -1.43 52.12 -28.44
N ASN B 253 -1.08 51.79 -29.68
CA ASN B 253 0.30 51.70 -30.04
C ASN B 253 0.96 53.05 -30.08
N HIS B 254 0.15 54.07 -30.40
CA HIS B 254 0.67 55.41 -30.44
C HIS B 254 1.15 55.80 -29.04
N LYS B 255 0.29 55.59 -28.04
CA LYS B 255 0.59 55.91 -26.64
C LYS B 255 1.84 55.13 -26.16
N HIS B 256 1.96 53.87 -26.55
CA HIS B 256 3.16 53.10 -26.19
C HIS B 256 4.40 53.72 -26.82
N MET B 257 4.30 54.13 -28.07
CA MET B 257 5.46 54.74 -28.73
C MET B 257 5.91 56.05 -28.06
N VAL B 258 4.96 56.95 -27.75
CA VAL B 258 5.26 58.21 -27.08
C VAL B 258 5.97 57.87 -25.76
N ASN B 259 5.57 56.75 -25.17
CA ASN B 259 6.13 56.25 -23.93
C ASN B 259 7.46 55.47 -24.05
N GLY B 260 8.10 55.45 -25.20
CA GLY B 260 9.38 54.78 -25.27
C GLY B 260 9.44 53.35 -25.76
N VAL B 261 8.37 52.86 -26.35
CA VAL B 261 8.40 51.51 -26.86
C VAL B 261 8.62 51.55 -28.36
N SER B 262 9.52 50.72 -28.86
CA SER B 262 9.78 50.67 -30.31
C SER B 262 8.91 49.65 -31.00
N PHE B 263 8.32 50.04 -32.11
CA PHE B 263 7.52 49.13 -32.89
C PHE B 263 8.07 49.02 -34.32
N VAL B 264 8.48 47.84 -34.76
CA VAL B 264 8.86 47.69 -36.17
C VAL B 264 7.61 48.07 -37.07
N ASN B 265 6.41 47.62 -36.71
CA ASN B 265 5.21 47.97 -37.49
C ASN B 265 3.97 48.10 -36.57
N PRO B 266 3.71 49.33 -36.06
CA PRO B 266 2.55 49.48 -35.17
C PRO B 266 1.17 49.26 -35.83
N GLU B 267 1.13 49.17 -37.15
CA GLU B 267 -0.17 48.91 -37.80
C GLU B 267 -0.46 47.41 -37.77
N ALA B 268 0.51 46.60 -37.35
CA ALA B 268 0.33 45.14 -37.32
C ALA B 268 0.85 44.47 -36.07
N THR B 269 0.67 45.14 -34.94
CA THR B 269 1.08 44.62 -33.65
C THR B 269 -0.25 44.74 -32.89
N TYR B 270 -0.59 43.71 -32.14
CA TYR B 270 -1.92 43.64 -31.50
C TYR B 270 -1.86 43.63 -29.99
N ILE B 271 -2.01 44.81 -29.40
CA ILE B 271 -1.93 44.93 -27.97
C ILE B 271 -3.23 45.38 -27.36
N ASP B 272 -3.71 44.60 -26.40
CA ASP B 272 -4.97 44.88 -25.71
C ASP B 272 -4.86 46.16 -24.93
N ILE B 273 -6.02 46.76 -24.65
CA ILE B 273 -6.10 48.05 -23.97
C ILE B 273 -5.44 48.16 -22.59
N ASP B 274 -5.45 47.09 -21.81
CA ASP B 274 -4.87 47.16 -20.46
C ASP B 274 -3.46 46.66 -20.28
N VAL B 275 -2.85 46.21 -21.38
CA VAL B 275 -1.48 45.75 -21.30
C VAL B 275 -0.54 46.91 -20.94
N GLU B 276 0.38 46.65 -20.01
CA GLU B 276 1.38 47.63 -19.56
C GLU B 276 2.77 47.28 -20.13
N ILE B 277 3.48 48.27 -20.67
CA ILE B 277 4.75 48.04 -21.29
C ILE B 277 5.69 49.13 -20.94
N ALA B 278 6.79 48.74 -20.32
CA ALA B 278 7.80 49.67 -19.86
C ALA B 278 8.58 50.26 -21.03
N PRO B 279 9.11 51.48 -20.83
CA PRO B 279 9.89 52.17 -21.86
C PRO B 279 11.09 51.32 -22.26
N GLU B 280 11.55 51.52 -23.49
CA GLU B 280 12.70 50.77 -24.00
C GLU B 280 12.43 49.35 -24.52
N VAL B 281 11.21 48.84 -24.29
CA VAL B 281 10.85 47.50 -24.82
C VAL B 281 10.81 47.64 -26.34
N GLN B 282 11.23 46.58 -27.05
CA GLN B 282 11.26 46.56 -28.52
C GLN B 282 10.34 45.48 -29.02
N ILE B 283 9.40 45.89 -29.86
CA ILE B 283 8.42 44.98 -30.37
C ILE B 283 8.42 44.87 -31.89
N GLU B 284 8.73 43.67 -32.38
CA GLU B 284 8.75 43.36 -33.81
C GLU B 284 7.30 43.28 -34.23
N ALA B 285 7.05 43.22 -35.52
CA ALA B 285 5.66 43.15 -35.98
C ALA B 285 4.99 41.82 -35.60
N ASN B 286 3.66 41.82 -35.66
CA ASN B 286 2.88 40.63 -35.43
C ASN B 286 3.12 40.01 -34.09
N VAL B 287 3.13 40.85 -33.06
CA VAL B 287 3.29 40.38 -31.69
C VAL B 287 1.92 40.60 -31.09
N ILE B 288 1.41 39.65 -30.33
CA ILE B 288 0.08 39.75 -29.67
C ILE B 288 0.21 39.73 -28.13
N LEU B 289 -0.24 40.81 -27.49
CA LEU B 289 -0.23 40.89 -26.04
C LEU B 289 -1.70 41.06 -25.57
N LYS B 290 -2.19 40.12 -24.77
CA LYS B 290 -3.58 40.16 -24.31
C LYS B 290 -3.78 40.18 -22.83
N GLY B 291 -4.96 40.67 -22.45
CA GLY B 291 -5.38 40.74 -21.06
C GLY B 291 -4.52 41.54 -20.11
N GLN B 292 -4.28 40.99 -18.93
CA GLN B 292 -3.50 41.66 -17.89
C GLN B 292 -2.09 41.24 -18.08
N THR B 293 -1.47 41.75 -19.13
CA THR B 293 -0.11 41.39 -19.42
C THR B 293 0.79 42.56 -19.12
N LYS B 294 1.96 42.27 -18.61
CA LYS B 294 2.90 43.34 -18.28
C LYS B 294 4.31 42.98 -18.77
N ILE B 295 4.99 43.94 -19.40
CA ILE B 295 6.31 43.70 -19.95
C ILE B 295 7.34 44.65 -19.34
N GLY B 296 8.42 44.10 -18.78
CA GLY B 296 9.47 44.88 -18.14
C GLY B 296 10.45 45.56 -19.10
N ALA B 297 11.27 46.48 -18.56
CA ALA B 297 12.19 47.26 -19.37
C ALA B 297 13.22 46.48 -20.17
N GLU B 298 13.46 47.00 -21.38
CA GLU B 298 14.42 46.47 -22.37
C GLU B 298 14.16 45.07 -22.92
N THR B 299 12.98 44.55 -22.61
CA THR B 299 12.61 43.26 -23.09
C THR B 299 12.39 43.34 -24.61
N VAL B 300 12.75 42.27 -25.30
CA VAL B 300 12.58 42.23 -26.75
C VAL B 300 11.51 41.18 -27.05
N LEU B 301 10.49 41.53 -27.86
CA LEU B 301 9.46 40.58 -28.24
C LEU B 301 9.49 40.41 -29.76
N THR B 302 9.86 39.21 -30.25
CA THR B 302 9.94 38.96 -31.70
C THR B 302 8.66 38.48 -32.37
N ASN B 303 8.65 38.62 -33.69
CA ASN B 303 7.52 38.26 -34.54
C ASN B 303 6.89 36.90 -34.16
N GLY B 304 5.59 36.90 -33.86
CA GLY B 304 4.92 35.65 -33.54
C GLY B 304 4.66 35.48 -32.08
N THR B 305 5.36 36.25 -31.27
CA THR B 305 5.17 36.14 -29.85
C THR B 305 3.73 36.46 -29.42
N TYR B 306 3.17 35.59 -28.58
CA TYR B 306 1.78 35.69 -28.15
C TYR B 306 1.76 35.53 -26.63
N VAL B 307 1.44 36.62 -25.92
CA VAL B 307 1.42 36.61 -24.45
C VAL B 307 0.04 36.95 -23.89
N VAL B 308 -0.48 36.11 -22.99
CA VAL B 308 -1.82 36.35 -22.42
C VAL B 308 -1.77 36.26 -20.90
N ASP B 309 -2.31 37.28 -20.23
CA ASP B 309 -2.39 37.36 -18.77
C ASP B 309 -1.10 36.93 -18.08
N SER B 310 0.04 37.46 -18.54
CA SER B 310 1.32 37.11 -17.97
C SER B 310 2.19 38.32 -17.67
N THR B 311 3.16 38.09 -16.79
CA THR B 311 4.12 39.11 -16.44
C THR B 311 5.51 38.70 -16.97
N ILE B 312 6.16 39.58 -17.73
CA ILE B 312 7.49 39.32 -18.28
C ILE B 312 8.40 40.38 -17.64
N GLY B 313 9.54 39.96 -17.14
CA GLY B 313 10.45 40.91 -16.51
C GLY B 313 11.25 41.74 -17.49
N ALA B 314 12.32 42.35 -16.97
CA ALA B 314 13.20 43.22 -17.74
C ALA B 314 14.35 42.45 -18.37
N GLY B 315 14.89 42.96 -19.45
CA GLY B 315 15.99 42.23 -20.07
C GLY B 315 15.66 40.86 -20.66
N ALA B 316 14.38 40.51 -20.81
CA ALA B 316 14.05 39.19 -21.39
C ALA B 316 13.97 39.22 -22.92
N VAL B 317 14.16 38.08 -23.57
CA VAL B 317 14.03 37.99 -25.02
C VAL B 317 13.05 36.84 -25.29
N ILE B 318 11.86 37.16 -25.82
CA ILE B 318 10.85 36.17 -26.11
C ILE B 318 10.79 36.08 -27.63
N THR B 319 11.28 34.95 -28.15
CA THR B 319 11.32 34.70 -29.57
C THR B 319 10.23 33.76 -30.04
N ASN B 320 9.30 34.29 -30.84
CA ASN B 320 8.25 33.49 -31.44
C ASN B 320 7.65 32.41 -30.52
N SER B 321 7.03 32.81 -29.41
CA SER B 321 6.56 31.81 -28.47
C SER B 321 5.23 32.20 -27.83
N MET B 322 4.58 31.23 -27.19
CA MET B 322 3.30 31.47 -26.59
C MET B 322 3.38 31.30 -25.08
N ILE B 323 3.01 32.35 -24.36
CA ILE B 323 3.08 32.40 -22.92
C ILE B 323 1.69 32.75 -22.30
N GLU B 324 1.15 31.86 -21.49
CA GLU B 324 -0.16 32.06 -20.90
C GLU B 324 -0.17 31.92 -19.39
N GLU B 325 -0.81 32.89 -18.74
CA GLU B 325 -0.99 32.97 -17.28
C GLU B 325 0.22 32.55 -16.48
N SER B 326 1.35 33.15 -16.81
CA SER B 326 2.57 32.79 -16.15
C SER B 326 3.40 33.99 -15.74
N SER B 327 4.51 33.73 -15.07
CA SER B 327 5.38 34.81 -14.65
C SER B 327 6.78 34.46 -15.15
N VAL B 328 7.44 35.43 -15.75
CA VAL B 328 8.76 35.25 -16.30
C VAL B 328 9.66 36.33 -15.72
N ALA B 329 10.75 35.93 -15.03
CA ALA B 329 11.68 36.86 -14.42
C ALA B 329 12.55 37.59 -15.43
N ASP B 330 13.46 38.41 -14.88
CA ASP B 330 14.40 39.18 -15.67
C ASP B 330 15.42 38.28 -16.36
N GLY B 331 15.85 38.73 -17.53
CA GLY B 331 16.84 37.98 -18.30
C GLY B 331 16.47 36.63 -18.89
N VAL B 332 15.21 36.22 -18.78
CA VAL B 332 14.81 34.96 -19.35
C VAL B 332 14.79 35.02 -20.90
N THR B 333 15.26 33.95 -21.54
CA THR B 333 15.22 33.81 -22.99
C THR B 333 14.26 32.66 -23.27
N VAL B 334 13.24 32.89 -24.11
CA VAL B 334 12.25 31.87 -24.47
C VAL B 334 12.11 31.80 -26.00
N GLY B 335 12.24 30.60 -26.56
CA GLY B 335 12.08 30.46 -28.00
C GLY B 335 13.24 30.08 -28.88
N PRO B 336 13.00 29.92 -30.19
CA PRO B 336 11.68 30.06 -30.82
C PRO B 336 10.84 28.81 -30.64
N TYR B 337 9.54 28.95 -30.85
CA TYR B 337 8.57 27.84 -30.75
C TYR B 337 8.48 27.15 -29.41
N ALA B 338 8.34 27.91 -28.33
CA ALA B 338 8.20 27.29 -27.01
C ALA B 338 6.79 27.64 -26.57
N HIS B 339 6.24 26.85 -25.66
CA HIS B 339 4.89 27.12 -25.21
C HIS B 339 4.94 27.12 -23.69
N ILE B 340 4.69 28.28 -23.06
CA ILE B 340 4.69 28.31 -21.59
C ILE B 340 3.21 28.35 -21.21
N ARG B 341 2.71 27.26 -20.65
CA ARG B 341 1.30 27.15 -20.30
C ARG B 341 0.94 27.68 -18.93
N PRO B 342 -0.37 27.78 -18.63
CA PRO B 342 -0.83 28.31 -17.33
C PRO B 342 -0.14 27.87 -16.05
N ASN B 343 -0.01 28.83 -15.15
CA ASN B 343 0.57 28.69 -13.83
C ASN B 343 2.02 28.25 -13.74
N SER B 344 2.84 28.75 -14.65
CA SER B 344 4.26 28.45 -14.66
C SER B 344 4.99 29.72 -14.23
N SER B 345 6.17 29.53 -13.66
CA SER B 345 7.00 30.63 -13.24
C SER B 345 8.40 30.26 -13.67
N LEU B 346 9.07 31.18 -14.36
CA LEU B 346 10.44 30.96 -14.82
C LEU B 346 11.34 31.93 -14.06
N GLY B 347 12.31 31.41 -13.30
CA GLY B 347 13.20 32.27 -12.56
C GLY B 347 14.21 33.03 -13.41
N ALA B 348 14.91 33.97 -12.78
CA ALA B 348 15.91 34.78 -13.44
C ALA B 348 16.92 34.00 -14.28
N GLN B 349 17.15 34.52 -15.49
CA GLN B 349 18.10 33.97 -16.45
C GLN B 349 17.85 32.54 -16.94
N VAL B 350 16.65 32.05 -16.72
CA VAL B 350 16.26 30.75 -17.18
C VAL B 350 16.22 30.77 -18.75
N HIS B 351 16.51 29.64 -19.37
CA HIS B 351 16.46 29.54 -20.82
C HIS B 351 15.59 28.37 -21.26
N ILE B 352 14.56 28.67 -22.03
CA ILE B 352 13.67 27.65 -22.60
C ILE B 352 13.85 27.77 -24.15
N GLY B 353 14.38 26.73 -24.78
CA GLY B 353 14.63 26.77 -26.20
C GLY B 353 13.47 26.34 -27.11
N ASN B 354 13.80 25.83 -28.29
CA ASN B 354 12.79 25.43 -29.21
C ASN B 354 12.08 24.11 -28.93
N PHE B 355 10.78 24.11 -29.21
CA PHE B 355 9.94 22.96 -29.02
C PHE B 355 9.86 22.48 -27.55
N VAL B 356 9.83 23.41 -26.61
CA VAL B 356 9.74 23.04 -25.21
C VAL B 356 8.39 23.50 -24.68
N GLU B 357 7.77 22.67 -23.86
CA GLU B 357 6.50 23.00 -23.27
C GLU B 357 6.63 22.95 -21.74
N VAL B 358 6.29 24.06 -21.08
CA VAL B 358 6.34 24.14 -19.62
C VAL B 358 4.91 24.37 -19.16
N LYS B 359 4.40 23.44 -18.34
CA LYS B 359 3.02 23.54 -17.86
C LYS B 359 2.88 23.36 -16.34
N GLY B 360 2.38 24.39 -15.67
CA GLY B 360 2.18 24.32 -14.24
C GLY B 360 3.42 23.99 -13.42
N SER B 361 4.57 24.51 -13.81
CA SER B 361 5.79 24.22 -13.10
C SER B 361 6.57 25.47 -12.72
N SER B 362 7.28 25.41 -11.62
CA SER B 362 8.10 26.52 -11.22
C SER B 362 9.49 26.07 -11.59
N ILE B 363 10.26 26.99 -12.14
CA ILE B 363 11.60 26.67 -12.57
C ILE B 363 12.55 27.68 -11.96
N GLY B 364 13.56 27.19 -11.24
CA GLY B 364 14.52 28.05 -10.58
C GLY B 364 15.49 28.74 -11.49
N GLU B 365 16.23 29.70 -10.96
CA GLU B 365 17.13 30.45 -11.79
C GLU B 365 18.32 29.76 -12.43
N ASN B 366 18.63 30.26 -13.63
CA ASN B 366 19.69 29.75 -14.48
C ASN B 366 19.42 28.37 -15.05
N THR B 367 18.26 27.78 -14.77
CA THR B 367 17.96 26.46 -15.30
C THR B 367 17.77 26.53 -16.82
N LYS B 368 18.14 25.46 -17.51
CA LYS B 368 18.06 25.41 -18.95
C LYS B 368 17.33 24.21 -19.52
N ALA B 369 16.41 24.44 -20.46
CA ALA B 369 15.70 23.36 -21.14
C ALA B 369 15.73 23.84 -22.59
N GLY B 370 16.80 23.48 -23.29
CA GLY B 370 16.97 23.94 -24.64
C GLY B 370 16.22 23.28 -25.79
N HIS B 371 15.71 22.06 -25.62
CA HIS B 371 15.09 21.40 -26.77
C HIS B 371 14.15 20.24 -26.57
N LEU B 372 13.10 20.22 -27.40
CA LEU B 372 12.13 19.15 -27.41
C LEU B 372 11.88 18.56 -26.06
N THR B 373 11.35 19.36 -25.17
CA THR B 373 11.12 18.89 -23.83
C THR B 373 9.77 19.26 -23.31
N TYR B 374 9.24 18.38 -22.46
CA TYR B 374 7.96 18.62 -21.81
C TYR B 374 8.17 18.58 -20.31
N ILE B 375 7.85 19.69 -19.65
CA ILE B 375 7.98 19.80 -18.20
C ILE B 375 6.61 20.16 -17.61
N GLY B 376 5.94 19.20 -16.97
CA GLY B 376 4.63 19.48 -16.39
C GLY B 376 4.52 19.13 -14.92
N ASN B 377 3.88 19.99 -14.13
CA ASN B 377 3.70 19.77 -12.71
C ASN B 377 4.97 19.47 -11.93
N CYS B 378 6.05 20.19 -12.22
CA CYS B 378 7.31 19.98 -11.52
C CYS B 378 7.71 21.22 -10.77
N GLU B 379 8.49 21.03 -9.72
CA GLU B 379 9.06 22.12 -8.95
C GLU B 379 10.48 21.82 -9.35
N VAL B 380 11.16 22.77 -10.00
CA VAL B 380 12.52 22.54 -10.47
C VAL B 380 13.44 23.54 -9.81
N GLY B 381 14.62 23.07 -9.39
CA GLY B 381 15.56 23.94 -8.71
C GLY B 381 16.34 24.87 -9.63
N SER B 382 17.42 25.44 -9.11
CA SER B 382 18.23 26.35 -9.90
C SER B 382 19.43 25.63 -10.49
N ASN B 383 19.93 26.16 -11.61
CA ASN B 383 21.07 25.56 -12.30
C ASN B 383 20.92 24.12 -12.82
N VAL B 384 19.67 23.69 -13.01
CA VAL B 384 19.35 22.38 -13.55
C VAL B 384 19.53 22.37 -15.10
N ASN B 385 19.87 21.23 -15.66
CA ASN B 385 20.04 21.14 -17.11
C ASN B 385 19.17 20.04 -17.69
N PHE B 386 18.22 20.39 -18.54
CA PHE B 386 17.39 19.37 -19.17
C PHE B 386 17.92 19.09 -20.57
N GLY B 387 18.47 17.90 -20.80
CA GLY B 387 18.98 17.57 -22.12
C GLY B 387 17.86 17.40 -23.15
N ALA B 388 18.18 17.65 -24.42
CA ALA B 388 17.19 17.52 -25.48
C ALA B 388 16.32 16.26 -25.36
N GLY B 389 15.02 16.38 -25.59
CA GLY B 389 14.16 15.21 -25.55
C GLY B 389 13.68 14.65 -24.23
N THR B 390 13.88 15.39 -23.14
CA THR B 390 13.45 14.96 -21.81
C THR B 390 11.93 15.10 -21.68
N ILE B 391 11.29 14.13 -21.07
CA ILE B 391 9.85 14.14 -20.90
C ILE B 391 9.45 13.85 -19.47
N THR B 392 8.62 14.69 -18.86
CA THR B 392 8.13 14.38 -17.52
C THR B 392 6.76 13.72 -17.73
N VAL B 393 6.47 12.69 -16.96
CA VAL B 393 5.19 11.99 -17.05
C VAL B 393 4.52 12.11 -15.69
N ASN B 394 3.39 12.80 -15.63
CA ASN B 394 2.70 12.94 -14.36
C ASN B 394 1.21 12.75 -14.52
N TYR B 395 0.84 11.91 -15.50
CA TYR B 395 -0.55 11.61 -15.78
C TYR B 395 -0.66 10.09 -16.00
N ASP B 396 -1.61 9.47 -15.29
CA ASP B 396 -1.83 8.03 -15.38
C ASP B 396 -3.11 7.70 -16.15
N GLY B 397 -4.04 8.65 -16.17
CA GLY B 397 -5.29 8.45 -16.88
C GLY B 397 -6.45 9.14 -16.17
N LYS B 398 -6.36 9.21 -14.84
CA LYS B 398 -7.40 9.83 -14.04
C LYS B 398 -6.79 10.80 -13.05
N ASN B 399 -5.58 10.50 -12.59
CA ASN B 399 -4.89 11.32 -11.61
C ASN B 399 -3.53 11.87 -12.07
N LYS B 400 -3.15 13.02 -11.53
CA LYS B 400 -1.87 13.64 -11.85
C LYS B 400 -0.96 13.53 -10.63
N TYR B 401 0.34 13.74 -10.84
CA TYR B 401 1.31 13.68 -9.75
C TYR B 401 2.37 14.77 -9.93
N LYS B 402 3.08 15.09 -8.85
CA LYS B 402 4.13 16.09 -8.92
C LYS B 402 5.53 15.51 -8.82
N THR B 403 6.49 16.24 -9.37
CA THR B 403 7.88 15.84 -9.35
C THR B 403 8.77 16.97 -8.82
N VAL B 404 9.72 16.61 -7.97
CA VAL B 404 10.64 17.59 -7.42
C VAL B 404 12.06 17.32 -7.95
N ILE B 405 12.64 18.34 -8.58
CA ILE B 405 13.98 18.23 -9.10
C ILE B 405 14.82 19.28 -8.37
N GLY B 406 15.78 18.81 -7.59
CA GLY B 406 16.64 19.68 -6.83
C GLY B 406 17.58 20.51 -7.65
N ASP B 407 18.41 21.28 -6.95
CA ASP B 407 19.36 22.16 -7.59
C ASP B 407 20.54 21.43 -8.21
N ASN B 408 21.04 21.98 -9.32
CA ASN B 408 22.18 21.45 -10.04
C ASN B 408 22.07 20.03 -10.62
N VAL B 409 20.86 19.53 -10.76
CA VAL B 409 20.64 18.21 -11.32
C VAL B 409 20.86 18.28 -12.84
N PHE B 410 21.30 17.16 -13.41
CA PHE B 410 21.54 17.07 -14.83
C PHE B 410 20.64 15.95 -15.34
N VAL B 411 19.69 16.29 -16.19
CA VAL B 411 18.78 15.30 -16.73
C VAL B 411 19.13 14.96 -18.17
N GLY B 412 19.87 13.86 -18.34
CA GLY B 412 20.28 13.38 -19.66
C GLY B 412 19.25 13.35 -20.77
N SER B 413 19.72 13.63 -21.98
CA SER B 413 18.87 13.68 -23.13
C SER B 413 18.04 12.44 -23.33
N ASN B 414 16.81 12.62 -23.78
CA ASN B 414 15.88 11.53 -24.06
C ASN B 414 15.46 10.67 -22.86
N SER B 415 15.44 11.25 -21.68
CA SER B 415 15.05 10.53 -20.48
C SER B 415 13.55 10.65 -20.30
N THR B 416 13.01 9.82 -19.40
CA THR B 416 11.61 9.84 -19.06
C THR B 416 11.56 9.81 -17.54
N ILE B 417 11.07 10.87 -16.95
CA ILE B 417 10.99 11.01 -15.52
C ILE B 417 9.53 10.78 -15.16
N ILE B 418 9.22 9.62 -14.58
CA ILE B 418 7.84 9.26 -14.20
C ILE B 418 7.49 9.57 -12.76
N ALA B 419 6.56 10.51 -12.60
CA ALA B 419 6.07 10.96 -11.29
C ALA B 419 5.13 9.93 -10.67
N PRO B 420 4.98 9.95 -9.34
CA PRO B 420 5.70 10.84 -8.41
C PRO B 420 7.11 10.30 -8.24
N VAL B 421 8.08 11.20 -8.18
CA VAL B 421 9.48 10.85 -8.05
C VAL B 421 10.24 12.10 -7.68
N GLU B 422 11.42 11.94 -7.09
CA GLU B 422 12.21 13.10 -6.73
C GLU B 422 13.68 12.85 -7.08
N LEU B 423 14.35 13.90 -7.54
CA LEU B 423 15.77 13.86 -7.90
C LEU B 423 16.43 14.80 -6.91
N GLY B 424 17.43 14.31 -6.18
CA GLY B 424 18.11 15.14 -5.19
C GLY B 424 19.18 16.03 -5.78
N ASP B 425 19.51 17.09 -5.05
CA ASP B 425 20.52 18.04 -5.51
C ASP B 425 21.76 17.37 -6.13
N ASN B 426 22.30 17.97 -7.17
CA ASN B 426 23.49 17.49 -7.87
C ASN B 426 23.41 16.07 -8.43
N SER B 427 22.25 15.44 -8.36
CA SER B 427 22.17 14.09 -8.90
C SER B 427 22.28 14.16 -10.43
N LEU B 428 22.28 13.00 -11.07
CA LEU B 428 22.39 12.96 -12.51
C LEU B 428 21.66 11.79 -13.14
N VAL B 429 21.02 12.02 -14.27
CA VAL B 429 20.31 10.96 -14.97
C VAL B 429 21.05 10.70 -16.28
N GLY B 430 21.30 9.44 -16.60
CA GLY B 430 21.97 9.10 -17.84
C GLY B 430 20.98 9.19 -19.01
N ALA B 431 21.48 9.62 -20.17
CA ALA B 431 20.61 9.74 -21.33
C ALA B 431 19.85 8.45 -21.64
N GLY B 432 18.70 8.58 -22.28
CA GLY B 432 17.89 7.43 -22.63
C GLY B 432 17.29 6.66 -21.46
N SER B 433 17.43 7.18 -20.25
CA SER B 433 16.89 6.50 -19.06
C SER B 433 15.39 6.72 -18.76
N THR B 434 14.82 5.79 -18.01
CA THR B 434 13.43 5.88 -17.58
C THR B 434 13.49 5.80 -16.08
N ILE B 435 13.20 6.91 -15.41
CA ILE B 435 13.25 7.00 -13.96
C ILE B 435 11.88 6.77 -13.33
N THR B 436 11.81 5.73 -12.48
CA THR B 436 10.58 5.39 -11.78
C THR B 436 10.72 5.52 -10.27
N LYS B 437 11.96 5.62 -9.78
CA LYS B 437 12.21 5.73 -8.33
C LYS B 437 13.09 6.93 -7.97
N ASP B 438 12.87 7.48 -6.78
CA ASP B 438 13.66 8.61 -6.31
C ASP B 438 15.14 8.40 -6.57
N VAL B 439 15.83 9.49 -6.86
CA VAL B 439 17.26 9.45 -7.11
C VAL B 439 17.87 10.34 -6.04
N PRO B 440 18.57 9.74 -5.06
CA PRO B 440 19.22 10.47 -3.96
C PRO B 440 20.24 11.50 -4.40
N ALA B 441 20.48 12.50 -3.56
CA ALA B 441 21.43 13.56 -3.85
C ALA B 441 22.84 13.03 -4.18
N ASP B 442 23.42 13.57 -5.24
CA ASP B 442 24.76 13.20 -5.72
C ASP B 442 24.85 11.82 -6.35
N ALA B 443 23.70 11.15 -6.44
CA ALA B 443 23.68 9.83 -7.05
C ALA B 443 23.68 9.91 -8.58
N ILE B 444 23.60 8.76 -9.22
CA ILE B 444 23.56 8.71 -10.67
C ILE B 444 22.63 7.57 -11.08
N ALA B 445 21.46 7.95 -11.61
CA ALA B 445 20.45 6.99 -12.05
C ALA B 445 20.51 6.67 -13.54
N ILE B 446 20.61 5.38 -13.84
CA ILE B 446 20.70 4.89 -15.21
C ILE B 446 19.66 3.78 -15.43
N GLY B 447 18.91 3.89 -16.53
CA GLY B 447 17.90 2.91 -16.86
C GLY B 447 17.80 2.63 -18.36
N ARG B 448 18.95 2.43 -18.98
CA ARG B 448 19.01 2.17 -20.41
C ARG B 448 19.69 0.83 -20.70
N GLY B 449 19.30 0.19 -21.80
CA GLY B 449 19.90 -1.08 -22.18
C GLY B 449 21.29 -0.91 -22.75
N ARG B 450 21.93 -2.04 -23.08
CA ARG B 450 23.28 -2.02 -23.65
C ARG B 450 23.27 -2.12 -25.18
N GLN B 451 24.23 -1.45 -25.80
CA GLN B 451 24.37 -1.45 -27.25
C GLN B 451 25.03 -2.74 -27.70
N ILE B 452 24.50 -3.32 -28.77
CA ILE B 452 25.00 -4.55 -29.36
C ILE B 452 25.15 -4.29 -30.85
N ASN B 453 26.38 -4.28 -31.35
CA ASN B 453 26.57 -4.07 -32.78
C ASN B 453 26.49 -5.40 -33.51
N LYS B 454 26.38 -5.36 -34.83
CA LYS B 454 26.32 -6.59 -35.61
C LYS B 454 26.99 -6.43 -36.95
N ASP B 455 28.20 -6.98 -37.09
CA ASP B 455 28.92 -6.88 -38.35
C ASP B 455 28.06 -7.30 -39.53
N GLU B 456 28.18 -6.56 -40.63
CA GLU B 456 27.43 -6.80 -41.86
C GLU B 456 25.94 -7.08 -41.62
CA CA C . -19.09 -16.84 18.89
CA CA D . 4.58 -4.76 28.60
CA CA E . 39.24 -64.41 5.31
CA CA F . 12.29 10.24 -27.10
CA CA G . 17.06 23.82 -2.66
CA CA H . -46.22 58.27 -13.72
#